data_8G0Y
#
_entry.id   8G0Y
#
_entity_poly.entity_id   1
_entity_poly.type   'polypeptide(L)'
_entity_poly.pdbx_seq_one_letter_code
;(ACE)PPKKPKKPG(6ZS)NATPEKLAAYEKELAAYEKELAAY(NH2)
;
_entity_poly.pdbx_strand_id   A
#
loop_
_chem_comp.id
_chem_comp.type
_chem_comp.name
_chem_comp.formula
ACE non-polymer 'ACETYL GROUP' 'C2 H4 O'
NH2 non-polymer 'AMINO GROUP' 'H2 N'
#
# COMPACT_ATOMS: atom_id res chain seq x y z
C ACE A 1 0.02 16.54 1.34
O ACE A 1 -0.81 16.13 0.53
CH3 ACE A 1 -0.27 17.75 2.18
H1 ACE A 1 -1.35 17.91 2.20
H2 ACE A 1 0.21 18.61 1.75
H3 ACE A 1 0.12 17.58 3.18
N PRO A 2 1.20 15.92 1.50
CA PRO A 2 1.58 14.75 0.72
C PRO A 2 0.94 13.48 1.27
N PRO A 3 0.55 12.54 0.38
CA PRO A 3 -0.07 11.28 0.77
C PRO A 3 0.89 10.42 1.62
N LYS A 4 0.36 9.78 2.65
CA LYS A 4 1.17 9.03 3.59
C LYS A 4 1.38 7.61 3.10
N LYS A 5 2.54 7.04 3.41
CA LYS A 5 2.84 5.65 3.08
C LYS A 5 2.06 4.71 3.98
N PRO A 6 1.42 3.69 3.39
CA PRO A 6 0.67 2.69 4.16
C PRO A 6 1.61 1.85 5.03
N LYS A 7 1.14 1.52 6.23
CA LYS A 7 1.91 0.73 7.20
C LYS A 7 2.40 -0.57 6.57
N LYS A 8 3.72 -0.74 6.52
CA LYS A 8 4.32 -1.93 5.92
C LYS A 8 4.04 -3.18 6.78
N PRO A 9 3.53 -4.26 6.15
CA PRO A 9 3.29 -5.52 6.84
C PRO A 9 4.56 -6.37 6.92
N GLY A 10 4.60 -7.29 7.87
CA GLY A 10 5.72 -8.20 7.98
C GLY A 10 5.66 -9.29 6.92
C2 6ZS A 11 8.66 -11.95 7.20
N 6ZS A 11 6.76 -10.02 6.73
CA 6ZS A 11 6.83 -11.09 5.72
CB1 6ZS A 11 6.68 -10.51 4.33
C 6ZS A 11 5.72 -12.12 5.98
O 6ZS A 11 5.26 -12.79 5.05
CB 6ZS A 11 8.18 -11.78 5.77
H1 6ZS A 11 9.59 -12.50 7.20
H4 6ZS A 11 7.91 -12.49 7.76
H3 6ZS A 11 8.81 -10.99 7.64
H 6ZS A 11 7.55 -9.83 7.28
H7 6ZS A 11 6.78 -11.28 3.59
H8 6ZS A 11 7.44 -9.76 4.17
H9 6ZS A 11 5.70 -10.05 4.23
H10 6ZS A 11 8.11 -12.77 5.33
H11 6ZS A 11 8.91 -11.21 5.23
N ASN A 12 5.29 -12.24 7.23
CA ASN A 12 4.26 -13.21 7.61
C ASN A 12 2.87 -12.62 7.40
N ALA A 13 2.69 -11.89 6.30
CA ALA A 13 1.40 -11.31 5.96
C ALA A 13 0.53 -12.32 5.24
N THR A 14 -0.77 -12.23 5.45
CA THR A 14 -1.69 -13.17 4.82
C THR A 14 -1.97 -12.72 3.39
N PRO A 15 -2.09 -13.67 2.43
CA PRO A 15 -2.26 -13.34 1.01
C PRO A 15 -3.28 -12.21 0.76
N GLU A 16 -4.43 -12.27 1.42
CA GLU A 16 -5.47 -11.26 1.22
C GLU A 16 -5.00 -9.87 1.68
N LYS A 17 -4.33 -9.80 2.83
CA LYS A 17 -3.89 -8.52 3.35
C LYS A 17 -2.66 -8.02 2.62
N LEU A 18 -1.87 -8.96 2.09
CA LEU A 18 -0.70 -8.60 1.31
C LEU A 18 -1.15 -7.99 -0.01
N ALA A 19 -2.16 -8.61 -0.61
CA ALA A 19 -2.78 -8.09 -1.82
C ALA A 19 -3.42 -6.74 -1.54
N ALA A 20 -4.08 -6.64 -0.39
CA ALA A 20 -4.66 -5.39 0.06
C ALA A 20 -3.59 -4.32 0.18
N TYR A 21 -2.44 -4.67 0.77
CA TYR A 21 -1.34 -3.73 0.91
C TYR A 21 -0.84 -3.29 -0.47
N GLU A 22 -0.79 -4.23 -1.42
CA GLU A 22 -0.39 -3.91 -2.77
C GLU A 22 -1.34 -2.89 -3.40
N LYS A 23 -2.64 -3.04 -3.16
CA LYS A 23 -3.62 -2.09 -3.65
C LYS A 23 -3.47 -0.73 -2.96
N GLU A 24 -3.21 -0.74 -1.66
CA GLU A 24 -2.98 0.50 -0.91
C GLU A 24 -1.71 1.20 -1.40
N LEU A 25 -0.69 0.42 -1.72
CA LEU A 25 0.56 0.95 -2.25
C LEU A 25 0.34 1.51 -3.66
N ALA A 26 -0.49 0.81 -4.43
CA ALA A 26 -0.87 1.28 -5.76
C ALA A 26 -1.60 2.61 -5.66
N ALA A 27 -2.51 2.69 -4.71
CA ALA A 27 -3.23 3.92 -4.41
C ALA A 27 -2.25 5.03 -4.04
N TYR A 28 -1.26 4.67 -3.22
CA TYR A 28 -0.20 5.61 -2.86
C TYR A 28 0.49 6.17 -4.11
N GLU A 29 0.82 5.29 -5.04
CA GLU A 29 1.47 5.72 -6.29
C GLU A 29 0.55 6.61 -7.12
N LYS A 30 -0.72 6.24 -7.20
CA LYS A 30 -1.71 7.03 -7.93
C LYS A 30 -1.85 8.43 -7.32
N GLU A 31 -1.99 8.49 -6.01
CA GLU A 31 -2.17 9.75 -5.32
C GLU A 31 -0.88 10.57 -5.33
N LEU A 32 0.26 9.88 -5.31
CA LEU A 32 1.55 10.55 -5.37
C LEU A 32 1.74 11.22 -6.74
N ALA A 33 1.33 10.50 -7.79
CA ALA A 33 1.42 11.03 -9.15
C ALA A 33 0.47 12.21 -9.32
N ALA A 34 -0.73 12.06 -8.78
CA ALA A 34 -1.72 13.13 -8.82
C ALA A 34 -1.27 14.34 -8.02
N TYR A 35 -0.46 14.10 -6.99
CA TYR A 35 0.08 15.19 -6.18
C TYR A 35 1.14 15.96 -6.96
N NH2 A 36 2.25 15.29 -7.25
HN1 NH2 A 36 2.32 14.36 -6.94
HN2 NH2 A 36 2.95 15.76 -7.74
C ACE A 1 0.52 16.60 1.41
O ACE A 1 -0.44 16.25 0.74
CH3 ACE A 1 0.46 17.87 2.23
H1 ACE A 1 1.38 18.41 2.10
H2 ACE A 1 0.34 17.61 3.26
H3 ACE A 1 -0.39 18.45 1.90
N PRO A 2 1.66 15.88 1.44
CA PRO A 2 1.83 14.66 0.67
C PRO A 2 1.19 13.45 1.33
N PRO A 3 0.61 12.53 0.53
CA PRO A 3 -0.04 11.32 1.04
C PRO A 3 0.95 10.43 1.79
N LYS A 4 0.51 9.89 2.92
CA LYS A 4 1.38 9.09 3.77
C LYS A 4 1.34 7.62 3.37
N LYS A 5 2.47 6.95 3.53
CA LYS A 5 2.60 5.54 3.15
C LYS A 5 1.79 4.65 4.08
N PRO A 6 1.11 3.65 3.51
CA PRO A 6 0.38 2.64 4.28
C PRO A 6 1.33 1.80 5.14
N LYS A 7 0.92 1.52 6.37
CA LYS A 7 1.73 0.75 7.31
C LYS A 7 2.14 -0.60 6.71
N LYS A 8 3.43 -0.77 6.47
CA LYS A 8 3.96 -2.04 5.97
C LYS A 8 3.77 -3.13 7.00
N PRO A 9 3.14 -4.26 6.62
CA PRO A 9 2.89 -5.38 7.54
C PRO A 9 4.15 -6.18 7.82
N GLY A 10 4.06 -7.12 8.75
CA GLY A 10 5.19 -7.96 9.10
C GLY A 10 5.53 -8.96 8.00
C2 6ZS A 11 9.55 -10.38 7.72
N 6ZS A 11 6.63 -9.69 8.20
CA 6ZS A 11 7.11 -10.69 7.23
CB1 6ZS A 11 7.43 -10.02 5.91
C 6ZS A 11 6.04 -11.78 7.02
O 6ZS A 11 5.95 -12.36 5.94
CB 6ZS A 11 8.38 -11.35 7.74
H1 6ZS A 11 9.73 -10.05 6.70
H4 6ZS A 11 10.44 -10.87 8.10
H3 6ZS A 11 9.33 -9.52 8.34
H 6ZS A 11 7.13 -9.57 9.03
H7 6ZS A 11 8.11 -9.20 6.08
H8 6ZS A 11 6.52 -9.66 5.45
H9 6ZS A 11 7.90 -10.74 5.25
H10 6ZS A 11 8.24 -11.69 8.76
H11 6ZS A 11 8.64 -12.20 7.12
N ASN A 12 5.23 -12.03 8.03
CA ASN A 12 4.21 -13.08 7.95
C ASN A 12 2.86 -12.46 7.61
N ALA A 13 2.80 -11.80 6.47
CA ALA A 13 1.55 -11.26 5.97
C ALA A 13 0.86 -12.30 5.11
N THR A 14 -0.46 -12.34 5.20
CA THR A 14 -1.25 -13.30 4.43
C THR A 14 -1.42 -12.80 2.99
N PRO A 15 -1.61 -13.70 2.01
CA PRO A 15 -1.80 -13.27 0.62
C PRO A 15 -2.87 -12.19 0.47
N GLU A 16 -3.98 -12.32 1.21
CA GLU A 16 -5.05 -11.33 1.16
C GLU A 16 -4.58 -9.97 1.68
N LYS A 17 -3.90 -9.97 2.82
CA LYS A 17 -3.39 -8.72 3.41
C LYS A 17 -2.28 -8.15 2.54
N LEU A 18 -1.52 -9.03 1.91
CA LEU A 18 -0.44 -8.62 1.03
C LEU A 18 -1.03 -7.97 -0.22
N ALA A 19 -2.16 -8.51 -0.66
CA ALA A 19 -2.87 -7.98 -1.82
C ALA A 19 -3.50 -6.64 -1.49
N ALA A 20 -4.11 -6.56 -0.31
CA ALA A 20 -4.68 -5.31 0.17
C ALA A 20 -3.60 -4.24 0.28
N TYR A 21 -2.47 -4.61 0.86
CA TYR A 21 -1.33 -3.71 0.98
C TYR A 21 -0.83 -3.29 -0.40
N GLU A 22 -0.83 -4.23 -1.34
CA GLU A 22 -0.43 -3.94 -2.71
C GLU A 22 -1.36 -2.91 -3.34
N LYS A 23 -2.66 -3.07 -3.11
CA LYS A 23 -3.64 -2.12 -3.60
C LYS A 23 -3.42 -0.74 -2.98
N GLU A 24 -3.19 -0.69 -1.68
CA GLU A 24 -2.96 0.58 -1.00
C GLU A 24 -1.66 1.23 -1.45
N LEU A 25 -0.65 0.43 -1.78
CA LEU A 25 0.57 0.97 -2.37
C LEU A 25 0.28 1.52 -3.77
N ALA A 26 -0.58 0.83 -4.51
CA ALA A 26 -1.00 1.29 -5.82
C ALA A 26 -1.72 2.64 -5.72
N ALA A 27 -2.62 2.71 -4.74
CA ALA A 27 -3.33 3.95 -4.45
C ALA A 27 -2.36 5.04 -4.04
N TYR A 28 -1.38 4.69 -3.21
CA TYR A 28 -0.34 5.62 -2.81
C TYR A 28 0.38 6.17 -4.03
N GLU A 29 0.73 5.30 -4.97
CA GLU A 29 1.40 5.71 -6.20
C GLU A 29 0.49 6.61 -7.04
N LYS A 30 -0.80 6.27 -7.10
CA LYS A 30 -1.75 7.06 -7.86
C LYS A 30 -1.88 8.47 -7.27
N GLU A 31 -2.08 8.55 -5.96
CA GLU A 31 -2.18 9.84 -5.28
C GLU A 31 -0.86 10.60 -5.34
N LEU A 32 0.25 9.89 -5.24
CA LEU A 32 1.57 10.52 -5.26
C LEU A 32 1.85 11.13 -6.63
N ALA A 33 1.43 10.42 -7.69
CA ALA A 33 1.58 10.91 -9.05
C ALA A 33 0.63 12.07 -9.32
N ALA A 34 -0.59 11.95 -8.81
CA ALA A 34 -1.59 13.00 -8.95
C ALA A 34 -1.21 14.24 -8.14
N TYR A 35 -0.39 14.03 -7.11
CA TYR A 35 0.12 15.14 -6.30
C TYR A 35 1.27 15.81 -7.04
N NH2 A 36 2.40 15.12 -7.14
HN1 NH2 A 36 2.41 14.23 -6.74
HN2 NH2 A 36 3.15 15.54 -7.60
C ACE A 1 -0.99 16.25 1.31
O ACE A 1 -1.64 15.79 0.38
CH3 ACE A 1 -1.51 17.42 2.11
H1 ACE A 1 -2.24 17.95 1.51
H2 ACE A 1 -0.71 18.08 2.35
H3 ACE A 1 -1.96 17.05 3.03
N PRO A 2 0.21 15.74 1.66
CA PRO A 2 0.80 14.61 0.96
C PRO A 2 0.22 13.27 1.43
N PRO A 3 -0.06 12.35 0.50
CA PRO A 3 -0.63 11.05 0.84
C PRO A 3 0.31 10.21 1.71
N LYS A 4 -0.24 9.60 2.74
CA LYS A 4 0.56 8.86 3.72
C LYS A 4 0.87 7.44 3.23
N LYS A 5 2.09 6.99 3.50
CA LYS A 5 2.49 5.61 3.17
C LYS A 5 1.75 4.62 4.06
N PRO A 6 1.15 3.58 3.45
CA PRO A 6 0.47 2.53 4.20
C PRO A 6 1.46 1.71 5.03
N LYS A 7 1.04 1.33 6.24
CA LYS A 7 1.87 0.54 7.14
C LYS A 7 2.29 -0.78 6.48
N LYS A 8 3.61 -0.96 6.32
CA LYS A 8 4.14 -2.18 5.71
C LYS A 8 3.81 -3.41 6.58
N PRO A 9 3.30 -4.48 5.96
CA PRO A 9 3.02 -5.73 6.66
C PRO A 9 4.29 -6.55 6.88
N GLY A 10 4.31 -7.34 7.95
CA GLY A 10 5.46 -8.17 8.24
C GLY A 10 5.21 -9.62 7.90
C2 6ZS A 11 7.04 -14.16 8.70
N 6ZS A 11 6.03 -10.50 8.45
CA 6ZS A 11 5.93 -11.97 8.23
CB1 6ZS A 11 6.19 -12.27 6.76
C 6ZS A 11 4.53 -12.45 8.63
O 6ZS A 11 3.99 -13.41 8.07
CB 6ZS A 11 6.98 -12.69 9.06
H1 6ZS A 11 7.37 -14.27 7.69
H4 6ZS A 11 6.06 -14.60 8.82
H3 6ZS A 11 7.73 -14.66 9.37
H 6ZS A 11 6.76 -10.17 9.02
H7 6ZS A 11 7.18 -11.93 6.49
H8 6ZS A 11 5.46 -11.78 6.15
H9 6ZS A 11 6.13 -13.35 6.61
H10 6ZS A 11 7.96 -12.26 8.89
H11 6ZS A 11 6.73 -12.61 10.11
N ASN A 12 3.92 -11.76 9.59
CA ASN A 12 2.61 -12.14 10.11
C ASN A 12 1.49 -11.59 9.24
N ALA A 13 1.67 -11.64 7.92
CA ALA A 13 0.66 -11.18 7.00
C ALA A 13 0.34 -12.25 5.98
N THR A 14 -0.93 -12.36 5.63
CA THR A 14 -1.39 -13.36 4.69
C THR A 14 -1.37 -12.80 3.26
N PRO A 15 -1.34 -13.65 2.21
CA PRO A 15 -1.40 -13.18 0.82
C PRO A 15 -2.54 -12.18 0.56
N GLU A 16 -3.71 -12.41 1.17
CA GLU A 16 -4.83 -11.50 1.00
C GLU A 16 -4.50 -10.11 1.55
N LYS A 17 -3.88 -10.06 2.73
CA LYS A 17 -3.50 -8.78 3.33
C LYS A 17 -2.36 -8.17 2.52
N LEU A 18 -1.48 -9.00 2.00
CA LEU A 18 -0.39 -8.53 1.16
C LEU A 18 -0.95 -7.90 -0.11
N ALA A 19 -2.00 -8.52 -0.65
CA ALA A 19 -2.70 -8.00 -1.80
C ALA A 19 -3.39 -6.69 -1.47
N ALA A 20 -3.96 -6.62 -0.27
CA ALA A 20 -4.54 -5.38 0.23
C ALA A 20 -3.47 -4.30 0.27
N TYR A 21 -2.31 -4.64 0.81
CA TYR A 21 -1.19 -3.70 0.87
C TYR A 21 -0.80 -3.25 -0.54
N GLU A 22 -0.81 -4.18 -1.49
CA GLU A 22 -0.50 -3.84 -2.88
C GLU A 22 -1.51 -2.85 -3.43
N LYS A 23 -2.79 -3.01 -3.08
CA LYS A 23 -3.83 -2.09 -3.49
C LYS A 23 -3.61 -0.70 -2.88
N GLU A 24 -3.40 -0.65 -1.57
CA GLU A 24 -3.14 0.62 -0.89
C GLU A 24 -1.85 1.27 -1.40
N LEU A 25 -0.85 0.46 -1.73
CA LEU A 25 0.41 0.97 -2.25
C LEU A 25 0.23 1.52 -3.66
N ALA A 26 -0.61 0.83 -4.46
CA ALA A 26 -0.94 1.28 -5.80
C ALA A 26 -1.70 2.61 -5.74
N ALA A 27 -2.65 2.67 -4.82
CA ALA A 27 -3.39 3.90 -4.57
C ALA A 27 -2.46 5.01 -4.14
N TYR A 28 -1.50 4.66 -3.28
CA TYR A 28 -0.47 5.61 -2.85
C TYR A 28 0.30 6.14 -4.07
N GLU A 29 0.65 5.24 -4.98
CA GLU A 29 1.38 5.63 -6.19
C GLU A 29 0.53 6.56 -7.06
N LYS A 30 -0.75 6.23 -7.23
CA LYS A 30 -1.65 7.07 -8.01
C LYS A 30 -1.77 8.45 -7.39
N GLU A 31 -2.01 8.49 -6.09
CA GLU A 31 -2.15 9.75 -5.36
C GLU A 31 -0.84 10.53 -5.36
N LEU A 32 0.28 9.83 -5.29
CA LEU A 32 1.59 10.48 -5.30
C LEU A 32 1.83 11.13 -6.66
N ALA A 33 1.45 10.42 -7.73
CA ALA A 33 1.59 10.93 -9.08
C ALA A 33 0.66 12.11 -9.32
N ALA A 34 -0.53 12.03 -8.76
CA ALA A 34 -1.50 13.13 -8.85
C ALA A 34 -1.06 14.33 -8.02
N TYR A 35 -0.34 14.06 -6.94
CA TYR A 35 0.16 15.13 -6.06
C TYR A 35 1.29 15.88 -6.75
N NH2 A 36 2.35 15.17 -7.09
HN1 NH2 A 36 2.34 14.21 -6.90
HN2 NH2 A 36 3.10 15.63 -7.53
C ACE A 1 -1.92 16.14 1.05
O ACE A 1 -2.54 15.46 0.23
CH3 ACE A 1 -2.56 17.32 1.73
H1 ACE A 1 -1.81 18.09 1.86
H2 ACE A 1 -2.95 17.02 2.68
H3 ACE A 1 -3.38 17.66 1.10
N PRO A 2 -0.66 15.82 1.40
CA PRO A 2 0.08 14.71 0.79
C PRO A 2 -0.36 13.36 1.36
N PRO A 3 -0.45 12.33 0.51
CA PRO A 3 -0.83 10.98 0.93
C PRO A 3 0.23 10.33 1.82
N LYS A 4 -0.20 9.59 2.82
CA LYS A 4 0.71 8.96 3.77
C LYS A 4 1.10 7.56 3.29
N LYS A 5 2.33 7.15 3.61
CA LYS A 5 2.86 5.86 3.19
C LYS A 5 2.28 4.74 4.03
N PRO A 6 1.71 3.70 3.40
CA PRO A 6 1.11 2.57 4.13
C PRO A 6 2.16 1.72 4.84
N LYS A 7 1.83 1.30 6.06
CA LYS A 7 2.74 0.50 6.89
C LYS A 7 3.15 -0.78 6.16
N LYS A 8 4.42 -0.86 5.80
CA LYS A 8 4.93 -2.00 5.03
C LYS A 8 5.08 -3.24 5.91
N PRO A 9 4.60 -4.41 5.45
CA PRO A 9 4.83 -5.68 6.13
C PRO A 9 6.23 -6.23 5.83
N GLY A 10 6.88 -6.80 6.82
CA GLY A 10 8.24 -7.29 6.63
C GLY A 10 8.31 -8.80 6.69
C2 6ZS A 11 10.63 -10.72 4.98
N 6ZS A 11 8.11 -9.44 5.54
CA 6ZS A 11 8.18 -10.91 5.43
CB1 6ZS A 11 7.91 -11.34 4.00
C 6ZS A 11 7.14 -11.56 6.36
O 6ZS A 11 7.37 -12.63 6.92
CB 6ZS A 11 9.57 -11.41 5.80
H1 6ZS A 11 10.58 -9.64 5.14
H4 6ZS A 11 10.48 -10.93 3.93
H3 6ZS A 11 11.61 -11.07 5.27
H 6ZS A 11 7.91 -8.93 4.74
H7 6ZS A 11 8.61 -10.85 3.34
H8 6ZS A 11 6.90 -11.06 3.72
H9 6ZS A 11 8.04 -12.41 3.91
H10 6ZS A 11 9.77 -11.21 6.84
H11 6ZS A 11 9.65 -12.47 5.62
N ASN A 12 6.01 -10.89 6.53
CA ASN A 12 4.98 -11.37 7.45
C ASN A 12 3.62 -10.82 7.05
N ALA A 13 3.05 -11.36 5.98
CA ALA A 13 1.72 -10.98 5.55
C ALA A 13 1.04 -12.13 4.84
N THR A 14 -0.25 -12.28 5.06
CA THR A 14 -1.04 -13.29 4.37
C THR A 14 -1.35 -12.81 2.95
N PRO A 15 -1.55 -13.71 1.97
CA PRO A 15 -1.83 -13.31 0.57
C PRO A 15 -2.88 -12.20 0.47
N GLU A 16 -3.97 -12.32 1.22
CA GLU A 16 -5.04 -11.32 1.19
C GLU A 16 -4.58 -9.97 1.73
N LYS A 17 -3.84 -9.98 2.85
CA LYS A 17 -3.34 -8.74 3.43
C LYS A 17 -2.25 -8.13 2.54
N LEU A 18 -1.47 -9.00 1.90
CA LEU A 18 -0.42 -8.54 1.01
C LEU A 18 -1.05 -7.92 -0.24
N ALA A 19 -2.17 -8.48 -0.67
CA ALA A 19 -2.93 -7.96 -1.78
C ALA A 19 -3.55 -6.62 -1.42
N ALA A 20 -4.08 -6.53 -0.21
CA ALA A 20 -4.62 -5.29 0.30
C ALA A 20 -3.54 -4.22 0.35
N TYR A 21 -2.37 -4.59 0.87
CA TYR A 21 -1.24 -3.67 0.88
C TYR A 21 -0.84 -3.26 -0.53
N GLU A 22 -0.88 -4.22 -1.46
CA GLU A 22 -0.58 -3.95 -2.86
C GLU A 22 -1.53 -2.90 -3.42
N LYS A 23 -2.82 -3.04 -3.13
CA LYS A 23 -3.82 -2.07 -3.59
C LYS A 23 -3.58 -0.69 -2.99
N GLU A 24 -3.35 -0.63 -1.68
CA GLU A 24 -3.14 0.64 -1.01
C GLU A 24 -1.79 1.27 -1.40
N LEU A 25 -0.81 0.45 -1.73
CA LEU A 25 0.47 0.93 -2.23
C LEU A 25 0.30 1.50 -3.64
N ALA A 26 -0.50 0.80 -4.45
CA ALA A 26 -0.83 1.27 -5.79
C ALA A 26 -1.58 2.59 -5.72
N ALA A 27 -2.53 2.67 -4.80
CA ALA A 27 -3.25 3.89 -4.54
C ALA A 27 -2.30 5.00 -4.10
N TYR A 28 -1.36 4.65 -3.22
CA TYR A 28 -0.32 5.58 -2.80
C TYR A 28 0.42 6.14 -4.01
N GLU A 29 0.80 5.26 -4.93
CA GLU A 29 1.51 5.68 -6.16
C GLU A 29 0.64 6.61 -7.00
N LYS A 30 -0.62 6.23 -7.20
CA LYS A 30 -1.51 7.02 -8.05
C LYS A 30 -1.80 8.39 -7.44
N GLU A 31 -2.07 8.40 -6.14
CA GLU A 31 -2.30 9.64 -5.41
C GLU A 31 -1.03 10.49 -5.36
N LEU A 32 0.13 9.85 -5.22
CA LEU A 32 1.40 10.56 -5.16
C LEU A 32 1.70 11.20 -6.51
N ALA A 33 1.41 10.47 -7.58
CA ALA A 33 1.62 10.95 -8.93
C ALA A 33 0.68 12.09 -9.26
N ALA A 34 -0.55 11.98 -8.80
CA ALA A 34 -1.54 13.05 -8.99
C ALA A 34 -1.17 14.28 -8.16
N TYR A 35 -0.54 14.05 -7.03
CA TYR A 35 -0.11 15.15 -6.17
C TYR A 35 1.06 15.89 -6.81
N NH2 A 36 2.19 15.22 -6.92
HN1 NH2 A 36 2.21 14.29 -6.60
HN2 NH2 A 36 2.95 15.66 -7.34
C ACE A 1 1.13 16.53 1.52
O ACE A 1 0.03 16.22 1.06
CH3 ACE A 1 1.30 17.76 2.37
H1 ACE A 1 2.24 18.23 2.13
H2 ACE A 1 1.29 17.48 3.41
H3 ACE A 1 0.46 18.43 2.18
N PRO A 2 2.23 15.78 1.27
CA PRO A 2 2.18 14.57 0.45
C PRO A 2 1.63 13.37 1.24
N PRO A 3 0.92 12.45 0.56
CA PRO A 3 0.37 11.24 1.19
C PRO A 3 1.48 10.35 1.78
N LYS A 4 1.26 9.88 3.00
CA LYS A 4 2.26 9.07 3.69
C LYS A 4 2.27 7.64 3.14
N LYS A 5 3.43 7.00 3.22
CA LYS A 5 3.57 5.60 2.82
C LYS A 5 2.76 4.71 3.77
N PRO A 6 2.01 3.74 3.22
CA PRO A 6 1.23 2.80 4.02
C PRO A 6 2.14 1.92 4.88
N LYS A 7 1.77 1.79 6.16
CA LYS A 7 2.54 1.01 7.14
C LYS A 7 2.73 -0.42 6.64
N LYS A 8 3.99 -0.77 6.37
CA LYS A 8 4.33 -2.09 5.82
C LYS A 8 3.95 -3.20 6.81
N PRO A 9 3.30 -4.28 6.31
CA PRO A 9 2.99 -5.47 7.11
C PRO A 9 4.17 -6.43 7.16
N GLY A 10 4.20 -7.27 8.18
CA GLY A 10 5.26 -8.25 8.32
C GLY A 10 5.07 -9.41 7.35
C2 6ZS A 11 8.57 -11.30 5.83
N 6ZS A 11 6.11 -10.24 7.22
CA 6ZS A 11 6.10 -11.38 6.27
CB1 6ZS A 11 5.92 -10.88 4.84
C 6ZS A 11 4.94 -12.33 6.63
O 6ZS A 11 4.41 -13.03 5.76
CB 6ZS A 11 7.42 -12.14 6.36
H1 6ZS A 11 8.41 -11.08 4.79
H4 6ZS A 11 9.49 -11.85 5.94
H3 6ZS A 11 8.63 -10.38 6.40
H 6ZS A 11 6.92 -10.09 7.75
H7 6ZS A 11 4.96 -10.41 4.74
H8 6ZS A 11 6.00 -11.72 4.17
H9 6ZS A 11 6.70 -10.16 4.62
H10 6ZS A 11 7.62 -12.41 7.38
H11 6ZS A 11 7.35 -13.04 5.75
N ASN A 12 4.55 -12.35 7.90
CA ASN A 12 3.46 -13.21 8.35
C ASN A 12 2.10 -12.56 8.09
N ALA A 13 1.96 -11.93 6.93
CA ALA A 13 0.70 -11.37 6.51
C ALA A 13 0.00 -12.34 5.58
N THR A 14 -1.32 -12.32 5.58
CA THR A 14 -2.08 -13.22 4.74
C THR A 14 -2.05 -12.72 3.29
N PRO A 15 -2.07 -13.61 2.29
CA PRO A 15 -2.05 -13.19 0.88
C PRO A 15 -3.08 -12.10 0.59
N GLU A 16 -4.28 -12.23 1.15
CA GLU A 16 -5.34 -11.24 0.96
C GLU A 16 -4.95 -9.88 1.56
N LYS A 17 -4.39 -9.87 2.76
CA LYS A 17 -3.96 -8.63 3.40
C LYS A 17 -2.77 -8.04 2.66
N LEU A 18 -1.92 -8.92 2.14
CA LEU A 18 -0.74 -8.51 1.41
C LEU A 18 -1.17 -7.91 0.07
N ALA A 19 -2.24 -8.46 -0.50
CA ALA A 19 -2.82 -7.95 -1.72
C ALA A 19 -3.50 -6.61 -1.48
N ALA A 20 -4.17 -6.50 -0.35
CA ALA A 20 -4.77 -5.24 0.07
C ALA A 20 -3.69 -4.18 0.23
N TYR A 21 -2.58 -4.57 0.85
CA TYR A 21 -1.44 -3.67 0.98
C TYR A 21 -0.90 -3.29 -0.40
N GLU A 22 -0.87 -4.25 -1.32
CA GLU A 22 -0.41 -4.02 -2.67
C GLU A 22 -1.28 -2.98 -3.37
N LYS A 23 -2.59 -3.10 -3.21
CA LYS A 23 -3.52 -2.14 -3.80
C LYS A 23 -3.37 -0.77 -3.14
N GLU A 24 -3.17 -0.76 -1.83
CA GLU A 24 -2.93 0.48 -1.09
C GLU A 24 -1.63 1.15 -1.55
N LEU A 25 -0.61 0.34 -1.85
CA LEU A 25 0.65 0.85 -2.37
C LEU A 25 0.43 1.45 -3.76
N ALA A 26 -0.37 0.75 -4.57
CA ALA A 26 -0.75 1.26 -5.89
C ALA A 26 -1.50 2.58 -5.78
N ALA A 27 -2.42 2.64 -4.82
CA ALA A 27 -3.15 3.86 -4.51
C ALA A 27 -2.20 4.97 -4.10
N TYR A 28 -1.22 4.63 -3.27
CA TYR A 28 -0.18 5.58 -2.87
C TYR A 28 0.51 6.14 -4.10
N GLU A 29 0.85 5.28 -5.06
CA GLU A 29 1.51 5.70 -6.29
C GLU A 29 0.59 6.61 -7.11
N LYS A 30 -0.68 6.24 -7.23
CA LYS A 30 -1.64 7.04 -7.98
C LYS A 30 -1.84 8.42 -7.34
N GLU A 31 -2.07 8.43 -6.03
CA GLU A 31 -2.25 9.69 -5.31
C GLU A 31 -0.97 10.51 -5.29
N LEU A 32 0.17 9.84 -5.25
CA LEU A 32 1.46 10.53 -5.28
C LEU A 32 1.64 11.24 -6.61
N ALA A 33 1.32 10.54 -7.69
CA ALA A 33 1.43 11.09 -9.04
C ALA A 33 0.44 12.25 -9.21
N ALA A 34 -0.76 12.07 -8.70
CA ALA A 34 -1.79 13.09 -8.74
C ALA A 34 -1.40 14.30 -7.90
N TYR A 35 -0.60 14.06 -6.87
CA TYR A 35 -0.09 15.15 -6.03
C TYR A 35 0.86 16.02 -6.84
N NH2 A 36 2.00 15.45 -7.20
HN1 NH2 A 36 2.16 14.52 -6.95
HN2 NH2 A 36 2.65 16.00 -7.70
C ACE A 1 -1.90 16.12 0.83
O ACE A 1 -2.33 15.58 -0.18
CH3 ACE A 1 -2.67 17.23 1.49
H1 ACE A 1 -3.40 17.61 0.78
H2 ACE A 1 -2.00 18.01 1.78
H3 ACE A 1 -3.17 16.83 2.37
N PRO A 2 -0.73 15.75 1.38
CA PRO A 2 0.10 14.70 0.81
C PRO A 2 -0.36 13.31 1.23
N PRO A 3 -0.36 12.34 0.30
CA PRO A 3 -0.78 10.96 0.60
C PRO A 3 0.22 10.26 1.51
N LYS A 4 -0.28 9.47 2.44
CA LYS A 4 0.56 8.84 3.46
C LYS A 4 1.03 7.46 2.99
N LYS A 5 2.31 7.18 3.19
CA LYS A 5 2.89 5.89 2.83
C LYS A 5 2.39 4.80 3.78
N PRO A 6 1.71 3.78 3.25
CA PRO A 6 1.14 2.71 4.08
C PRO A 6 2.22 1.88 4.78
N LYS A 7 1.92 1.45 6.00
CA LYS A 7 2.86 0.68 6.82
C LYS A 7 3.18 -0.67 6.18
N LYS A 8 4.43 -0.82 5.74
CA LYS A 8 4.87 -2.06 5.09
C LYS A 8 4.88 -3.22 6.09
N PRO A 9 4.16 -4.32 5.77
CA PRO A 9 4.13 -5.50 6.63
C PRO A 9 5.36 -6.39 6.42
N GLY A 10 6.02 -6.76 7.50
CA GLY A 10 7.21 -7.59 7.40
C GLY A 10 6.87 -9.06 7.33
C2 6ZS A 11 7.75 -11.22 4.70
N 6ZS A 11 6.13 -9.43 6.28
CA 6ZS A 11 5.68 -10.81 6.06
CB1 6ZS A 11 4.82 -10.87 4.81
C 6ZS A 11 4.86 -11.29 7.26
O 6ZS A 11 4.69 -12.50 7.47
CB 6ZS A 11 6.87 -11.73 5.84
H1 6ZS A 11 8.09 -10.22 4.93
H4 6ZS A 11 7.16 -11.20 3.79
H3 6ZS A 11 8.59 -11.88 4.58
H 6ZS A 11 5.87 -8.73 5.63
H7 6ZS A 11 4.49 -11.90 4.65
H8 6ZS A 11 5.39 -10.55 3.96
H9 6ZS A 11 3.95 -10.24 4.93
H10 6ZS A 11 7.48 -11.76 6.73
H11 6ZS A 11 6.53 -12.73 5.59
N ASN A 12 4.36 -10.35 8.06
CA ASN A 12 3.52 -10.67 9.21
C ASN A 12 2.05 -10.43 8.87
N ALA A 13 1.72 -10.58 7.58
CA ALA A 13 0.38 -10.30 7.10
C ALA A 13 -0.12 -11.47 6.26
N THR A 14 -1.42 -11.65 6.24
CA THR A 14 -2.03 -12.73 5.48
C THR A 14 -2.06 -12.38 3.98
N PRO A 15 -2.12 -13.36 3.06
CA PRO A 15 -2.17 -13.08 1.62
C PRO A 15 -3.21 -12.00 1.25
N GLU A 16 -4.38 -12.06 1.89
CA GLU A 16 -5.42 -11.07 1.62
C GLU A 16 -4.97 -9.67 2.01
N LYS A 17 -4.32 -9.56 3.17
CA LYS A 17 -3.82 -8.27 3.65
C LYS A 17 -2.61 -7.82 2.82
N LEU A 18 -1.82 -8.77 2.35
CA LEU A 18 -0.65 -8.48 1.55
C LEU A 18 -1.08 -7.96 0.18
N ALA A 19 -2.15 -8.55 -0.34
CA ALA A 19 -2.76 -8.11 -1.59
C ALA A 19 -3.39 -6.75 -1.40
N ALA A 20 -4.08 -6.60 -0.27
CA ALA A 20 -4.65 -5.32 0.11
C ALA A 20 -3.57 -4.25 0.17
N TYR A 21 -2.41 -4.63 0.73
CA TYR A 21 -1.29 -3.71 0.81
C TYR A 21 -0.81 -3.33 -0.59
N GLU A 22 -0.76 -4.28 -1.51
CA GLU A 22 -0.39 -3.98 -2.90
C GLU A 22 -1.34 -2.94 -3.50
N LYS A 23 -2.64 -3.14 -3.29
CA LYS A 23 -3.64 -2.20 -3.80
C LYS A 23 -3.50 -0.81 -3.16
N GLU A 24 -3.28 -0.78 -1.85
CA GLU A 24 -3.11 0.50 -1.16
C GLU A 24 -1.81 1.18 -1.57
N LEU A 25 -0.76 0.39 -1.84
CA LEU A 25 0.49 0.93 -2.32
C LEU A 25 0.31 1.49 -3.73
N ALA A 26 -0.49 0.79 -4.54
CA ALA A 26 -0.83 1.26 -5.88
C ALA A 26 -1.59 2.57 -5.80
N ALA A 27 -2.53 2.63 -4.86
CA ALA A 27 -3.27 3.85 -4.59
C ALA A 27 -2.33 4.98 -4.15
N TYR A 28 -1.38 4.64 -3.29
CA TYR A 28 -0.35 5.60 -2.88
C TYR A 28 0.39 6.15 -4.09
N GLU A 29 0.75 5.27 -5.01
CA GLU A 29 1.45 5.69 -6.24
C GLU A 29 0.57 6.61 -7.08
N LYS A 30 -0.71 6.24 -7.25
CA LYS A 30 -1.63 7.05 -8.02
C LYS A 30 -1.81 8.42 -7.38
N GLU A 31 -2.02 8.44 -6.06
CA GLU A 31 -2.18 9.69 -5.33
C GLU A 31 -0.89 10.51 -5.32
N LEU A 32 0.25 9.83 -5.30
CA LEU A 32 1.55 10.50 -5.32
C LEU A 32 1.76 11.17 -6.67
N ALA A 33 1.32 10.51 -7.74
CA ALA A 33 1.37 11.08 -9.08
C ALA A 33 0.43 12.27 -9.19
N ALA A 34 -0.75 12.13 -8.60
CA ALA A 34 -1.73 13.21 -8.56
C ALA A 34 -1.21 14.40 -7.76
N TYR A 35 -0.34 14.14 -6.81
CA TYR A 35 0.26 15.19 -6.00
C TYR A 35 1.38 15.87 -6.78
N NH2 A 36 2.46 15.15 -7.02
HN1 NH2 A 36 2.48 14.22 -6.68
HN2 NH2 A 36 3.20 15.56 -7.52
C ACE A 1 0.97 16.61 1.32
O ACE A 1 -0.09 16.31 0.77
CH3 ACE A 1 1.07 17.88 2.12
H1 ACE A 1 0.24 18.52 1.86
H2 ACE A 1 2.00 18.38 1.90
H3 ACE A 1 1.04 17.62 3.18
N PRO A 2 2.06 15.84 1.22
CA PRO A 2 2.07 14.59 0.46
C PRO A 2 1.30 13.48 1.18
N PRO A 3 0.62 12.61 0.41
CA PRO A 3 -0.18 11.50 0.97
C PRO A 3 0.66 10.57 1.86
N LYS A 4 0.06 10.14 2.96
CA LYS A 4 0.73 9.28 3.93
C LYS A 4 1.02 7.90 3.33
N LYS A 5 2.09 7.29 3.81
CA LYS A 5 2.48 5.95 3.36
C LYS A 5 1.74 4.88 4.16
N PRO A 6 1.27 3.82 3.48
CA PRO A 6 0.64 2.68 4.14
C PRO A 6 1.66 1.86 4.94
N LYS A 7 1.23 1.34 6.09
CA LYS A 7 2.07 0.52 6.95
C LYS A 7 2.60 -0.69 6.21
N LYS A 8 3.91 -0.76 6.04
CA LYS A 8 4.54 -1.89 5.36
C LYS A 8 4.52 -3.13 6.26
N PRO A 9 3.86 -4.21 5.82
CA PRO A 9 3.70 -5.42 6.62
C PRO A 9 4.93 -6.33 6.56
N GLY A 10 5.09 -7.16 7.59
CA GLY A 10 6.21 -8.09 7.63
C GLY A 10 5.94 -9.30 6.77
C2 6ZS A 11 9.37 -11.04 5.50
N 6ZS A 11 6.99 -10.13 6.57
CA 6ZS A 11 6.90 -11.33 5.72
CB1 6ZS A 11 6.58 -10.95 4.29
C 6ZS A 11 5.84 -12.29 6.27
O 6ZS A 11 5.34 -13.16 5.54
CB 6ZS A 11 8.25 -12.04 5.71
H1 6ZS A 11 9.43 -10.37 6.34
H4 6ZS A 11 9.20 -10.48 4.59
H3 6ZS A 11 10.32 -11.58 5.42
H 6ZS A 11 7.84 -9.92 7.00
H7 6ZS A 11 6.56 -11.84 3.67
H8 6ZS A 11 7.33 -10.27 3.92
H9 6ZS A 11 5.60 -10.47 4.26
H10 6ZS A 11 8.42 -12.54 6.65
H11 6ZS A 11 8.28 -12.76 4.90
N ASN A 12 5.49 -12.14 7.54
CA ASN A 12 4.51 -13.01 8.19
C ASN A 12 3.08 -12.55 7.91
N ALA A 13 2.88 -11.89 6.78
CA ALA A 13 1.54 -11.45 6.38
C ALA A 13 0.91 -12.49 5.47
N THR A 14 -0.41 -12.43 5.36
CA THR A 14 -1.14 -13.37 4.54
C THR A 14 -1.28 -12.86 3.10
N PRO A 15 -1.44 -13.75 2.10
CA PRO A 15 -1.64 -13.33 0.71
C PRO A 15 -2.70 -12.24 0.56
N GLU A 16 -3.83 -12.39 1.25
CA GLU A 16 -4.91 -11.41 1.19
C GLU A 16 -4.45 -10.05 1.72
N LYS A 17 -3.73 -10.05 2.83
CA LYS A 17 -3.26 -8.80 3.43
C LYS A 17 -2.16 -8.16 2.58
N LEU A 18 -1.37 -9.01 1.90
CA LEU A 18 -0.33 -8.51 1.01
C LEU A 18 -0.95 -7.92 -0.25
N ALA A 19 -2.05 -8.51 -0.69
CA ALA A 19 -2.81 -8.01 -1.83
C ALA A 19 -3.47 -6.68 -1.48
N ALA A 20 -4.01 -6.61 -0.27
CA ALA A 20 -4.58 -5.38 0.25
C ALA A 20 -3.51 -4.29 0.33
N TYR A 21 -2.34 -4.65 0.87
CA TYR A 21 -1.21 -3.73 0.91
C TYR A 21 -0.83 -3.28 -0.49
N GLU A 22 -0.86 -4.21 -1.45
CA GLU A 22 -0.54 -3.92 -2.83
C GLU A 22 -1.50 -2.89 -3.41
N LYS A 23 -2.79 -3.07 -3.13
CA LYS A 23 -3.81 -2.15 -3.65
C LYS A 23 -3.66 -0.76 -3.01
N GLU A 24 -3.42 -0.72 -1.71
CA GLU A 24 -3.23 0.55 -1.00
C GLU A 24 -1.93 1.24 -1.43
N LEU A 25 -0.89 0.45 -1.68
CA LEU A 25 0.38 0.99 -2.14
C LEU A 25 0.23 1.52 -3.57
N ALA A 26 -0.54 0.81 -4.38
CA ALA A 26 -0.86 1.27 -5.74
C ALA A 26 -1.63 2.58 -5.67
N ALA A 27 -2.58 2.65 -4.75
CA ALA A 27 -3.33 3.87 -4.50
C ALA A 27 -2.38 4.99 -4.09
N TYR A 28 -1.45 4.67 -3.20
CA TYR A 28 -0.42 5.64 -2.79
C TYR A 28 0.32 6.18 -4.01
N GLU A 29 0.72 5.29 -4.92
CA GLU A 29 1.41 5.70 -6.14
C GLU A 29 0.51 6.59 -7.01
N LYS A 30 -0.77 6.22 -7.12
CA LYS A 30 -1.73 7.00 -7.89
C LYS A 30 -1.83 8.42 -7.35
N GLU A 31 -2.08 8.54 -6.04
CA GLU A 31 -2.22 9.83 -5.39
C GLU A 31 -0.89 10.59 -5.39
N LEU A 32 0.22 9.87 -5.30
CA LEU A 32 1.55 10.49 -5.33
C LEU A 32 1.81 11.12 -6.69
N ALA A 33 1.40 10.42 -7.75
CA ALA A 33 1.54 10.91 -9.11
C ALA A 33 0.64 12.12 -9.33
N ALA A 34 -0.57 12.04 -8.81
CA ALA A 34 -1.51 13.15 -8.88
C ALA A 34 -0.98 14.37 -8.11
N TYR A 35 -0.25 14.11 -7.04
CA TYR A 35 0.34 15.17 -6.23
C TYR A 35 1.48 15.84 -6.99
N NH2 A 36 2.55 15.09 -7.22
HN1 NH2 A 36 2.53 14.16 -6.91
HN2 NH2 A 36 3.31 15.51 -7.68
C ACE A 1 -0.54 16.29 1.41
O ACE A 1 -1.38 15.72 0.69
CH3 ACE A 1 -0.93 17.50 2.22
H1 ACE A 1 -0.10 18.20 2.21
H2 ACE A 1 -1.15 17.20 3.23
H3 ACE A 1 -1.82 17.94 1.78
N PRO A 2 0.72 15.84 1.50
CA PRO A 2 1.19 14.68 0.75
C PRO A 2 0.71 13.36 1.37
N PRO A 3 0.32 12.39 0.53
CA PRO A 3 -0.15 11.08 1.00
C PRO A 3 0.95 10.30 1.72
N LYS A 4 0.62 9.74 2.87
CA LYS A 4 1.60 9.04 3.68
C LYS A 4 1.62 7.55 3.34
N LYS A 5 2.81 6.96 3.44
CA LYS A 5 3.00 5.55 3.10
C LYS A 5 2.22 4.64 4.05
N PRO A 6 1.54 3.63 3.49
CA PRO A 6 0.80 2.64 4.28
C PRO A 6 1.72 1.79 5.16
N LYS A 7 1.21 1.44 6.35
CA LYS A 7 1.95 0.62 7.31
C LYS A 7 2.43 -0.70 6.68
N LYS A 8 3.73 -0.81 6.47
CA LYS A 8 4.31 -2.00 5.85
C LYS A 8 4.23 -3.20 6.81
N PRO A 9 3.75 -4.35 6.32
CA PRO A 9 3.67 -5.56 7.14
C PRO A 9 5.06 -6.15 7.42
N GLY A 10 5.28 -6.58 8.65
CA GLY A 10 6.59 -7.06 9.05
C GLY A 10 6.80 -8.52 8.71
C2 6ZS A 11 9.29 -9.67 6.57
N 6ZS A 11 6.67 -8.85 7.42
CA 6ZS A 11 6.87 -10.22 6.91
CB1 6ZS A 11 6.61 -10.24 5.42
C 6ZS A 11 5.89 -11.18 7.61
O 6ZS A 11 6.19 -12.36 7.78
CB 6ZS A 11 8.31 -10.67 7.14
H1 6ZS A 11 10.30 -10.01 6.76
H4 6ZS A 11 9.14 -8.72 7.04
H3 6ZS A 11 9.13 -9.58 5.50
H 6ZS A 11 6.44 -8.13 6.79
H7 6ZS A 11 5.58 -9.97 5.22
H8 6ZS A 11 6.79 -11.24 5.04
H9 6ZS A 11 7.26 -9.54 4.93
H10 6ZS A 11 8.50 -10.77 8.20
H11 6ZS A 11 8.47 -11.63 6.65
N ASN A 12 4.74 -10.66 8.01
CA ASN A 12 3.71 -11.48 8.64
C ASN A 12 2.33 -10.98 8.18
N ALA A 13 1.98 -11.31 6.96
CA ALA A 13 0.70 -10.90 6.40
C ALA A 13 0.12 -11.99 5.53
N THR A 14 -1.20 -12.09 5.53
CA THR A 14 -1.89 -13.07 4.73
C THR A 14 -1.92 -12.61 3.27
N PRO A 15 -2.02 -13.52 2.27
CA PRO A 15 -2.07 -13.12 0.87
C PRO A 15 -3.10 -12.02 0.60
N GLU A 16 -4.27 -12.11 1.23
CA GLU A 16 -5.32 -11.10 1.04
C GLU A 16 -4.90 -9.75 1.64
N LYS A 17 -4.30 -9.76 2.83
CA LYS A 17 -3.83 -8.52 3.44
C LYS A 17 -2.66 -7.96 2.64
N LEU A 18 -1.86 -8.84 2.08
CA LEU A 18 -0.71 -8.44 1.29
C LEU A 18 -1.18 -7.86 -0.04
N ALA A 19 -2.28 -8.41 -0.55
CA ALA A 19 -2.91 -7.90 -1.76
C ALA A 19 -3.56 -6.55 -1.50
N ALA A 20 -4.19 -6.42 -0.34
CA ALA A 20 -4.76 -5.15 0.09
C ALA A 20 -3.66 -4.11 0.25
N TYR A 21 -2.52 -4.54 0.82
CA TYR A 21 -1.38 -3.66 0.95
C TYR A 21 -0.83 -3.28 -0.44
N GLU A 22 -0.89 -4.23 -1.37
CA GLU A 22 -0.47 -3.99 -2.74
C GLU A 22 -1.36 -2.90 -3.37
N LYS A 23 -2.67 -3.03 -3.23
CA LYS A 23 -3.60 -2.03 -3.76
C LYS A 23 -3.38 -0.69 -3.07
N GLU A 24 -3.13 -0.71 -1.77
CA GLU A 24 -2.85 0.50 -1.01
C GLU A 24 -1.55 1.16 -1.50
N LEU A 25 -0.55 0.35 -1.83
CA LEU A 25 0.69 0.88 -2.41
C LEU A 25 0.45 1.45 -3.80
N ALA A 26 -0.39 0.77 -4.58
CA ALA A 26 -0.78 1.25 -5.90
C ALA A 26 -1.51 2.58 -5.78
N ALA A 27 -2.40 2.65 -4.81
CA ALA A 27 -3.13 3.86 -4.49
C ALA A 27 -2.17 4.96 -4.05
N TYR A 28 -1.16 4.57 -3.28
CA TYR A 28 -0.11 5.50 -2.88
C TYR A 28 0.58 6.11 -4.09
N GLU A 29 0.96 5.26 -5.05
CA GLU A 29 1.61 5.72 -6.27
C GLU A 29 0.67 6.61 -7.08
N LYS A 30 -0.57 6.18 -7.21
CA LYS A 30 -1.59 6.91 -7.94
C LYS A 30 -1.81 8.30 -7.33
N GLU A 31 -2.03 8.35 -6.03
CA GLU A 31 -2.25 9.61 -5.33
C GLU A 31 -0.97 10.46 -5.32
N LEU A 32 0.18 9.81 -5.26
CA LEU A 32 1.47 10.51 -5.28
C LEU A 32 1.64 11.20 -6.63
N ALA A 33 1.25 10.50 -7.70
CA ALA A 33 1.33 11.03 -9.05
C ALA A 33 0.35 12.19 -9.23
N ALA A 34 -0.84 12.03 -8.68
CA ALA A 34 -1.85 13.09 -8.72
C ALA A 34 -1.44 14.28 -7.88
N TYR A 35 -0.62 14.04 -6.87
CA TYR A 35 -0.11 15.12 -6.02
C TYR A 35 0.92 15.94 -6.80
N NH2 A 36 2.06 15.34 -7.09
HN1 NH2 A 36 2.17 14.40 -6.80
HN2 NH2 A 36 2.74 15.85 -7.59
C ACE A 1 -0.90 16.21 1.37
O ACE A 1 -1.61 15.52 0.63
CH3 ACE A 1 -1.48 17.39 2.10
H1 ACE A 1 -0.75 18.18 2.12
H2 ACE A 1 -1.73 17.10 3.11
H3 ACE A 1 -2.39 17.70 1.58
N PRO A 2 0.40 15.92 1.56
CA PRO A 2 1.06 14.80 0.88
C PRO A 2 0.62 13.46 1.46
N PRO A 3 0.32 12.48 0.59
CA PRO A 3 -0.14 11.16 1.03
C PRO A 3 0.95 10.39 1.76
N LYS A 4 0.61 9.82 2.91
CA LYS A 4 1.58 9.10 3.72
C LYS A 4 1.60 7.61 3.34
N LYS A 5 2.77 7.01 3.44
CA LYS A 5 2.98 5.61 3.06
C LYS A 5 2.23 4.68 4.01
N PRO A 6 1.57 3.66 3.46
CA PRO A 6 0.90 2.64 4.25
C PRO A 6 1.90 1.79 5.05
N LYS A 7 1.46 1.27 6.19
CA LYS A 7 2.28 0.39 7.02
C LYS A 7 2.82 -0.79 6.22
N LYS A 8 4.13 -0.81 6.03
CA LYS A 8 4.77 -1.86 5.23
C LYS A 8 4.91 -3.15 6.04
N PRO A 9 4.47 -4.28 5.48
CA PRO A 9 4.69 -5.59 6.08
C PRO A 9 6.07 -6.13 5.73
N GLY A 10 6.69 -6.84 6.66
CA GLY A 10 8.03 -7.36 6.43
C GLY A 10 8.00 -8.73 5.79
C2 6ZS A 11 9.00 -9.54 2.42
N 6ZS A 11 7.28 -8.84 4.68
CA 6ZS A 11 7.12 -10.13 3.96
CB1 6ZS A 11 6.14 -9.95 2.81
C 6ZS A 11 6.59 -11.20 4.92
O 6ZS A 11 6.88 -12.38 4.79
CB 6ZS A 11 8.45 -10.58 3.37
H1 6ZS A 11 8.32 -9.41 1.59
H4 6ZS A 11 9.96 -9.87 2.05
H3 6ZS A 11 9.12 -8.61 2.94
H 6ZS A 11 6.85 -8.04 4.32
H7 6ZS A 11 6.51 -9.19 2.14
H8 6ZS A 11 5.18 -9.65 3.20
H9 6ZS A 11 6.05 -10.88 2.27
H10 6ZS A 11 9.17 -10.74 4.16
H11 6ZS A 11 8.31 -11.50 2.82
N ASN A 12 5.80 -10.76 5.89
CA ASN A 12 5.20 -11.66 6.86
C ASN A 12 3.73 -11.31 7.04
N ALA A 13 2.97 -11.50 5.97
CA ALA A 13 1.55 -11.21 5.96
C ALA A 13 0.83 -12.27 5.16
N THR A 14 -0.49 -12.35 5.30
CA THR A 14 -1.26 -13.30 4.54
C THR A 14 -1.48 -12.77 3.11
N PRO A 15 -1.52 -13.64 2.09
CA PRO A 15 -1.66 -13.21 0.69
C PRO A 15 -2.72 -12.13 0.49
N GLU A 16 -3.88 -12.30 1.13
CA GLU A 16 -4.97 -11.33 0.97
C GLU A 16 -4.61 -9.98 1.59
N LYS A 17 -3.91 -9.99 2.72
CA LYS A 17 -3.46 -8.75 3.36
C LYS A 17 -2.34 -8.12 2.54
N LEU A 18 -1.53 -8.97 1.92
CA LEU A 18 -0.43 -8.52 1.09
C LEU A 18 -0.98 -7.89 -0.19
N ALA A 19 -2.07 -8.47 -0.68
CA ALA A 19 -2.77 -7.94 -1.84
C ALA A 19 -3.45 -6.62 -1.49
N ALA A 20 -4.04 -6.57 -0.30
CA ALA A 20 -4.64 -5.35 0.22
C ALA A 20 -3.58 -4.25 0.31
N TYR A 21 -2.41 -4.61 0.84
CA TYR A 21 -1.29 -3.69 0.90
C TYR A 21 -0.89 -3.24 -0.50
N GLU A 22 -0.89 -4.18 -1.44
CA GLU A 22 -0.53 -3.87 -2.83
C GLU A 22 -1.51 -2.88 -3.44
N LYS A 23 -2.79 -3.03 -3.12
CA LYS A 23 -3.80 -2.11 -3.62
C LYS A 23 -3.62 -0.72 -3.01
N GLU A 24 -3.40 -0.66 -1.69
CA GLU A 24 -3.20 0.62 -1.03
C GLU A 24 -1.88 1.27 -1.42
N LEU A 25 -0.86 0.46 -1.70
CA LEU A 25 0.41 0.95 -2.20
C LEU A 25 0.23 1.51 -3.61
N ALA A 26 -0.57 0.82 -4.42
CA ALA A 26 -0.91 1.29 -5.75
C ALA A 26 -1.63 2.63 -5.66
N ALA A 27 -2.57 2.72 -4.73
CA ALA A 27 -3.26 3.96 -4.46
C ALA A 27 -2.29 5.05 -4.03
N TYR A 28 -1.30 4.67 -3.21
CA TYR A 28 -0.24 5.60 -2.83
C TYR A 28 0.48 6.13 -4.08
N GLU A 29 0.82 5.23 -4.99
CA GLU A 29 1.53 5.61 -6.21
C GLU A 29 0.67 6.55 -7.07
N LYS A 30 -0.62 6.20 -7.22
CA LYS A 30 -1.53 7.01 -8.01
C LYS A 30 -1.72 8.39 -7.36
N GLU A 31 -1.94 8.39 -6.05
CA GLU A 31 -2.16 9.62 -5.31
C GLU A 31 -0.91 10.49 -5.33
N LEU A 32 0.25 9.84 -5.25
CA LEU A 32 1.53 10.56 -5.26
C LEU A 32 1.75 11.20 -6.63
N ALA A 33 1.41 10.47 -7.68
CA ALA A 33 1.56 10.97 -9.04
C ALA A 33 0.58 12.12 -9.30
N ALA A 34 -0.64 11.97 -8.79
CA ALA A 34 -1.65 13.00 -8.90
C ALA A 34 -1.28 14.23 -8.08
N TYR A 35 -0.52 14.02 -7.01
CA TYR A 35 -0.09 15.11 -6.16
C TYR A 35 1.04 15.90 -6.84
N NH2 A 36 2.16 15.24 -7.06
HN1 NH2 A 36 2.21 14.29 -6.78
HN2 NH2 A 36 2.90 15.72 -7.49
C ACE A 1 1.35 16.64 1.74
O ACE A 1 0.31 16.58 1.09
CH3 ACE A 1 1.64 17.79 2.65
H1 ACE A 1 0.71 18.04 3.18
H2 ACE A 1 1.95 18.63 2.07
H3 ACE A 1 2.41 17.50 3.35
N PRO A 2 2.27 15.66 1.65
CA PRO A 2 2.13 14.50 0.78
C PRO A 2 1.37 13.35 1.47
N PRO A 3 0.67 12.51 0.68
CA PRO A 3 -0.01 11.33 1.19
C PRO A 3 0.95 10.38 1.90
N LYS A 4 0.54 9.85 3.04
CA LYS A 4 1.45 9.05 3.88
C LYS A 4 1.48 7.60 3.41
N LYS A 5 2.67 6.99 3.51
CA LYS A 5 2.88 5.62 3.08
C LYS A 5 2.14 4.64 4.00
N PRO A 6 1.45 3.65 3.40
CA PRO A 6 0.70 2.63 4.15
C PRO A 6 1.62 1.76 5.01
N LYS A 7 1.07 1.29 6.14
CA LYS A 7 1.81 0.44 7.07
C LYS A 7 2.39 -0.78 6.36
N LYS A 8 3.71 -0.86 6.32
CA LYS A 8 4.39 -1.97 5.65
C LYS A 8 4.33 -3.25 6.50
N PRO A 9 3.78 -4.34 5.95
CA PRO A 9 3.67 -5.62 6.64
C PRO A 9 4.98 -6.41 6.57
N GLY A 10 5.20 -7.25 7.57
CA GLY A 10 6.40 -8.07 7.60
C GLY A 10 6.40 -9.12 6.50
C2 6ZS A 11 10.19 -10.23 5.11
N 6ZS A 11 7.56 -9.69 6.20
CA 6ZS A 11 7.73 -10.68 5.11
CB1 6ZS A 11 7.57 -10.00 3.77
C 6ZS A 11 6.68 -11.80 5.26
O 6ZS A 11 6.16 -12.30 4.27
CB 6ZS A 11 9.12 -11.29 5.17
H1 6ZS A 11 11.16 -10.69 5.12
H4 6ZS A 11 10.10 -9.57 5.96
H3 6ZS A 11 10.08 -9.65 4.20
H 6ZS A 11 8.36 -9.42 6.71
H7 6ZS A 11 8.27 -9.19 3.69
H8 6ZS A 11 6.57 -9.63 3.66
H9 6ZS A 11 7.77 -10.72 2.98
H10 6ZS A 11 9.24 -11.84 6.09
H11 6ZS A 11 9.26 -11.95 4.33
N ASN A 12 6.38 -12.17 6.50
CA ASN A 12 5.42 -13.25 6.75
C ASN A 12 3.99 -12.69 6.78
N ALA A 13 3.64 -11.96 5.74
CA ALA A 13 2.29 -11.41 5.60
C ALA A 13 1.40 -12.41 4.88
N THR A 14 0.11 -12.34 5.14
CA THR A 14 -0.82 -13.25 4.51
C THR A 14 -1.20 -12.72 3.13
N PRO A 15 -1.44 -13.60 2.13
CA PRO A 15 -1.75 -13.17 0.76
C PRO A 15 -2.80 -12.06 0.71
N GLU A 16 -3.88 -12.21 1.48
CA GLU A 16 -4.96 -11.23 1.47
C GLU A 16 -4.48 -9.86 2.00
N LYS A 17 -3.69 -9.87 3.06
CA LYS A 17 -3.20 -8.63 3.66
C LYS A 17 -2.13 -7.99 2.77
N LEU A 18 -1.37 -8.85 2.10
CA LEU A 18 -0.30 -8.40 1.22
C LEU A 18 -0.91 -7.84 -0.06
N ALA A 19 -2.01 -8.45 -0.50
CA ALA A 19 -2.74 -7.97 -1.66
C ALA A 19 -3.41 -6.64 -1.36
N ALA A 20 -3.98 -6.54 -0.16
CA ALA A 20 -4.54 -5.29 0.30
C ALA A 20 -3.47 -4.21 0.35
N TYR A 21 -2.28 -4.59 0.82
CA TYR A 21 -1.14 -3.67 0.82
C TYR A 21 -0.77 -3.28 -0.60
N GLU A 22 -0.85 -4.23 -1.52
CA GLU A 22 -0.54 -3.98 -2.92
C GLU A 22 -1.49 -2.93 -3.51
N LYS A 23 -2.80 -3.13 -3.33
CA LYS A 23 -3.79 -2.20 -3.87
C LYS A 23 -3.65 -0.83 -3.21
N GLU A 24 -3.48 -0.83 -1.90
CA GLU A 24 -3.31 0.42 -1.16
C GLU A 24 -2.01 1.14 -1.55
N LEU A 25 -0.96 0.37 -1.80
CA LEU A 25 0.31 0.93 -2.28
C LEU A 25 0.12 1.50 -3.68
N ALA A 26 -0.70 0.82 -4.49
CA ALA A 26 -1.05 1.29 -5.81
C ALA A 26 -1.77 2.62 -5.72
N ALA A 27 -2.73 2.70 -4.80
CA ALA A 27 -3.44 3.93 -4.53
C ALA A 27 -2.48 5.03 -4.10
N TYR A 28 -1.53 4.67 -3.23
CA TYR A 28 -0.49 5.60 -2.82
C TYR A 28 0.28 6.14 -4.04
N GLU A 29 0.67 5.24 -4.94
CA GLU A 29 1.40 5.63 -6.14
C GLU A 29 0.57 6.57 -7.01
N LYS A 30 -0.72 6.25 -7.16
CA LYS A 30 -1.63 7.07 -7.95
C LYS A 30 -1.76 8.45 -7.34
N GLU A 31 -1.97 8.50 -6.02
CA GLU A 31 -2.11 9.77 -5.31
C GLU A 31 -0.80 10.56 -5.32
N LEU A 32 0.32 9.86 -5.23
CA LEU A 32 1.62 10.51 -5.23
C LEU A 32 1.89 11.14 -6.59
N ALA A 33 1.50 10.44 -7.66
CA ALA A 33 1.64 10.96 -9.01
C ALA A 33 0.72 12.14 -9.22
N ALA A 34 -0.52 12.02 -8.75
CA ALA A 34 -1.50 13.08 -8.85
C ALA A 34 -1.10 14.30 -8.03
N TYR A 35 -0.34 14.07 -6.96
CA TYR A 35 0.15 15.16 -6.12
C TYR A 35 1.24 15.94 -6.85
N NH2 A 36 2.38 15.30 -7.05
HN1 NH2 A 36 2.46 14.38 -6.72
HN2 NH2 A 36 3.11 15.77 -7.50
C ACE A 1 0.20 16.41 1.56
O ACE A 1 -0.70 16.14 0.78
CH3 ACE A 1 0.08 17.59 2.48
H1 ACE A 1 0.98 18.20 2.36
H2 ACE A 1 0.03 17.24 3.50
H3 ACE A 1 -0.81 18.14 2.23
N PRO A 2 1.31 15.65 1.62
CA PRO A 2 1.51 14.49 0.77
C PRO A 2 0.87 13.23 1.36
N PRO A 3 0.35 12.34 0.51
CA PRO A 3 -0.25 11.08 0.96
C PRO A 3 0.75 10.22 1.74
N LYS A 4 0.32 9.71 2.88
CA LYS A 4 1.20 8.97 3.78
C LYS A 4 1.46 7.57 3.26
N LYS A 5 2.63 7.03 3.58
CA LYS A 5 3.00 5.68 3.16
C LYS A 5 2.27 4.65 4.01
N PRO A 6 1.61 3.67 3.36
CA PRO A 6 0.90 2.61 4.08
C PRO A 6 1.84 1.73 4.88
N LYS A 7 1.41 1.35 6.08
CA LYS A 7 2.21 0.51 6.98
C LYS A 7 2.65 -0.77 6.26
N LYS A 8 3.95 -0.88 6.04
CA LYS A 8 4.51 -2.00 5.30
C LYS A 8 4.67 -3.22 6.21
N PRO A 9 4.24 -4.41 5.74
CA PRO A 9 4.40 -5.65 6.50
C PRO A 9 5.86 -6.11 6.52
N GLY A 10 6.32 -6.54 7.69
CA GLY A 10 7.72 -6.90 7.86
C GLY A 10 8.06 -8.25 7.26
C2 6ZS A 11 8.94 -11.21 8.94
N 6ZS A 11 7.23 -9.27 7.54
CA 6ZS A 11 7.45 -10.63 7.02
CB1 6ZS A 11 7.39 -10.61 5.50
C 6ZS A 11 6.34 -11.55 7.54
O 6ZS A 11 6.52 -12.78 7.64
CB 6ZS A 11 8.80 -11.16 7.43
H1 6ZS A 11 8.18 -11.87 9.35
H4 6ZS A 11 8.80 -10.22 9.34
H3 6ZS A 11 9.91 -11.57 9.21
H 6ZS A 11 6.47 -9.10 8.13
H7 6ZS A 11 6.43 -10.25 5.17
H8 6ZS A 11 7.55 -11.61 5.12
H9 6ZS A 11 8.17 -9.95 5.12
H10 6ZS A 11 8.94 -12.17 7.05
H11 6ZS A 11 9.58 -10.53 7.04
N ASN A 12 5.18 -10.98 7.86
CA ASN A 12 4.07 -11.77 8.38
C ASN A 12 2.75 -11.14 7.95
N ALA A 13 2.38 -11.40 6.70
CA ALA A 13 1.14 -10.91 6.15
C ALA A 13 0.44 -12.02 5.37
N THR A 14 -0.87 -12.04 5.44
CA THR A 14 -1.64 -13.04 4.73
C THR A 14 -1.88 -12.61 3.28
N PRO A 15 -1.97 -13.54 2.32
CA PRO A 15 -2.13 -13.20 0.90
C PRO A 15 -3.18 -12.10 0.65
N GLU A 16 -4.32 -12.19 1.34
CA GLU A 16 -5.38 -11.20 1.16
C GLU A 16 -4.96 -9.82 1.65
N LYS A 17 -4.31 -9.77 2.82
CA LYS A 17 -3.90 -8.50 3.40
C LYS A 17 -2.68 -7.95 2.66
N LEU A 18 -1.87 -8.86 2.14
CA LEU A 18 -0.69 -8.49 1.37
C LEU A 18 -1.13 -7.92 0.02
N ALA A 19 -2.18 -8.51 -0.54
CA ALA A 19 -2.79 -8.00 -1.76
C ALA A 19 -3.45 -6.66 -1.50
N ALA A 20 -4.09 -6.54 -0.34
CA ALA A 20 -4.66 -5.28 0.09
C ALA A 20 -3.57 -4.23 0.20
N TYR A 21 -2.43 -4.60 0.80
CA TYR A 21 -1.28 -3.70 0.87
C TYR A 21 -0.81 -3.30 -0.53
N GLU A 22 -0.82 -4.26 -1.46
CA GLU A 22 -0.45 -3.99 -2.84
C GLU A 22 -1.38 -2.91 -3.42
N LYS A 23 -2.68 -3.07 -3.23
CA LYS A 23 -3.65 -2.11 -3.76
C LYS A 23 -3.50 -0.74 -3.10
N GLU A 24 -3.25 -0.73 -1.78
CA GLU A 24 -3.03 0.52 -1.06
C GLU A 24 -1.72 1.19 -1.50
N LEU A 25 -0.70 0.38 -1.80
CA LEU A 25 0.56 0.92 -2.29
C LEU A 25 0.36 1.48 -3.71
N ALA A 26 -0.46 0.79 -4.49
CA ALA A 26 -0.82 1.26 -5.82
C ALA A 26 -1.56 2.59 -5.72
N ALA A 27 -2.47 2.65 -4.77
CA ALA A 27 -3.20 3.88 -4.47
C ALA A 27 -2.25 4.99 -4.05
N TYR A 28 -1.26 4.65 -3.23
CA TYR A 28 -0.22 5.59 -2.83
C TYR A 28 0.49 6.16 -4.07
N GLU A 29 0.86 5.28 -4.99
CA GLU A 29 1.53 5.70 -6.21
C GLU A 29 0.62 6.59 -7.06
N LYS A 30 -0.65 6.22 -7.14
CA LYS A 30 -1.63 7.00 -7.89
C LYS A 30 -1.80 8.39 -7.28
N GLU A 31 -1.98 8.44 -5.97
CA GLU A 31 -2.15 9.71 -5.27
C GLU A 31 -0.87 10.53 -5.30
N LEU A 32 0.28 9.85 -5.29
CA LEU A 32 1.57 10.53 -5.34
C LEU A 32 1.72 11.19 -6.70
N ALA A 33 1.32 10.48 -7.76
CA ALA A 33 1.37 11.01 -9.10
C ALA A 33 0.43 12.20 -9.26
N ALA A 34 -0.78 12.03 -8.76
CA ALA A 34 -1.79 13.09 -8.80
C ALA A 34 -1.36 14.31 -7.98
N TYR A 35 -0.56 14.08 -6.94
CA TYR A 35 -0.06 15.16 -6.09
C TYR A 35 1.06 15.91 -6.81
N NH2 A 36 2.14 15.20 -7.11
HN1 NH2 A 36 2.16 14.25 -6.87
HN2 NH2 A 36 2.89 15.67 -7.55
C ACE A 1 2.56 16.50 1.33
O ACE A 1 1.46 16.43 0.81
CH3 ACE A 1 2.94 17.69 2.17
H1 ACE A 1 3.70 17.39 2.89
H2 ACE A 1 2.08 18.04 2.70
H3 ACE A 1 3.31 18.48 1.52
N PRO A 2 3.48 15.52 1.16
CA PRO A 2 3.22 14.34 0.34
C PRO A 2 2.32 13.33 1.06
N PRO A 3 1.53 12.54 0.29
CA PRO A 3 0.67 11.51 0.85
C PRO A 3 1.46 10.50 1.68
N LYS A 4 0.87 10.04 2.77
CA LYS A 4 1.58 9.19 3.70
C LYS A 4 1.48 7.72 3.30
N LYS A 5 2.58 7.00 3.43
CA LYS A 5 2.64 5.59 3.05
C LYS A 5 1.81 4.73 3.98
N PRO A 6 1.16 3.70 3.43
CA PRO A 6 0.39 2.73 4.22
C PRO A 6 1.29 1.98 5.20
N LYS A 7 0.72 1.58 6.34
CA LYS A 7 1.48 0.88 7.38
C LYS A 7 1.99 -0.45 6.85
N LYS A 8 3.32 -0.57 6.75
CA LYS A 8 3.96 -1.76 6.18
C LYS A 8 3.70 -2.98 7.06
N PRO A 9 3.23 -4.09 6.46
CA PRO A 9 2.96 -5.34 7.19
C PRO A 9 4.24 -6.07 7.56
N GLY A 10 4.20 -6.85 8.63
CA GLY A 10 5.37 -7.57 9.06
C GLY A 10 5.07 -8.55 10.18
C2 6ZS A 11 3.54 -6.85 13.60
N 6ZS A 11 4.21 -8.13 11.11
CA 6ZS A 11 3.83 -8.94 12.27
CB1 6ZS A 11 5.07 -9.28 13.10
C 6ZS A 11 3.15 -10.22 11.79
O 6ZS A 11 3.66 -11.32 11.98
CB 6ZS A 11 2.89 -8.14 13.17
H1 6ZS A 11 2.85 -6.29 14.23
H4 6ZS A 11 3.78 -6.25 12.74
H3 6ZS A 11 4.44 -7.05 14.16
H 6ZS A 11 3.82 -7.24 11.00
H7 6ZS A 11 4.77 -9.83 13.98
H8 6ZS A 11 5.56 -8.37 13.40
H9 6ZS A 11 5.74 -9.87 12.51
H10 6ZS A 11 1.99 -7.91 12.63
H11 6ZS A 11 2.66 -8.72 14.05
N ASN A 12 1.98 -10.07 11.18
CA ASN A 12 1.19 -11.21 10.73
C ASN A 12 0.19 -10.77 9.65
N ALA A 13 0.63 -10.82 8.41
CA ALA A 13 -0.23 -10.45 7.29
C ALA A 13 -0.32 -11.58 6.27
N THR A 14 -1.53 -12.06 6.05
CA THR A 14 -1.75 -13.15 5.11
C THR A 14 -1.65 -12.64 3.67
N PRO A 15 -1.43 -13.52 2.66
CA PRO A 15 -1.37 -13.10 1.25
C PRO A 15 -2.50 -12.14 0.84
N GLU A 16 -3.70 -12.38 1.35
CA GLU A 16 -4.84 -11.51 1.05
C GLU A 16 -4.58 -10.09 1.54
N LYS A 17 -4.05 -9.97 2.76
CA LYS A 17 -3.73 -8.67 3.34
C LYS A 17 -2.54 -8.05 2.61
N LEU A 18 -1.65 -8.89 2.11
CA LEU A 18 -0.49 -8.43 1.37
C LEU A 18 -0.95 -7.86 0.03
N ALA A 19 -1.95 -8.50 -0.55
CA ALA A 19 -2.57 -8.03 -1.79
C ALA A 19 -3.30 -6.72 -1.55
N ALA A 20 -4.00 -6.65 -0.42
CA ALA A 20 -4.65 -5.43 0.01
C ALA A 20 -3.63 -4.31 0.17
N TYR A 21 -2.50 -4.64 0.79
CA TYR A 21 -1.39 -3.69 0.92
C TYR A 21 -0.89 -3.25 -0.45
N GLU A 22 -0.82 -4.18 -1.38
CA GLU A 22 -0.42 -3.87 -2.75
C GLU A 22 -1.38 -2.88 -3.39
N LYS A 23 -2.69 -3.05 -3.15
CA LYS A 23 -3.67 -2.12 -3.69
C LYS A 23 -3.54 -0.75 -3.04
N GLU A 24 -3.31 -0.72 -1.73
CA GLU A 24 -3.11 0.55 -1.03
C GLU A 24 -1.81 1.22 -1.46
N LEU A 25 -0.80 0.43 -1.77
CA LEU A 25 0.46 0.97 -2.28
C LEU A 25 0.24 1.53 -3.69
N ALA A 26 -0.57 0.82 -4.48
CA ALA A 26 -0.95 1.29 -5.82
C ALA A 26 -1.69 2.62 -5.71
N ALA A 27 -2.61 2.69 -4.75
CA ALA A 27 -3.32 3.92 -4.46
C ALA A 27 -2.35 5.02 -4.07
N TYR A 28 -1.36 4.67 -3.23
CA TYR A 28 -0.29 5.62 -2.87
C TYR A 28 0.41 6.13 -4.13
N GLU A 29 0.71 5.22 -5.06
CA GLU A 29 1.37 5.60 -6.31
C GLU A 29 0.51 6.56 -7.12
N LYS A 30 -0.78 6.26 -7.22
CA LYS A 30 -1.71 7.12 -7.96
C LYS A 30 -1.85 8.48 -7.27
N GLU A 31 -1.95 8.47 -5.95
CA GLU A 31 -2.04 9.70 -5.18
C GLU A 31 -0.73 10.50 -5.27
N LEU A 32 0.39 9.80 -5.34
CA LEU A 32 1.69 10.43 -5.46
C LEU A 32 1.82 11.12 -6.81
N ALA A 33 1.37 10.44 -7.86
CA ALA A 33 1.39 10.99 -9.21
C ALA A 33 0.44 12.17 -9.33
N ALA A 34 -0.71 12.04 -8.67
CA ALA A 34 -1.69 13.13 -8.64
C ALA A 34 -1.17 14.32 -7.85
N TYR A 35 -0.32 14.06 -6.87
CA TYR A 35 0.27 15.12 -6.07
C TYR A 35 1.28 15.91 -6.90
N NH2 A 36 2.33 15.23 -7.33
HN1 NH2 A 36 2.40 14.28 -7.11
HN2 NH2 A 36 3.00 15.72 -7.87
C ACE A 1 0.81 16.64 1.06
O ACE A 1 -0.10 16.25 0.33
CH3 ACE A 1 0.64 17.88 1.91
H1 ACE A 1 -0.42 18.04 2.08
H2 ACE A 1 1.04 18.72 1.41
H3 ACE A 1 1.16 17.73 2.85
N PRO A 2 1.99 16.01 1.11
CA PRO A 2 2.23 14.77 0.37
C PRO A 2 1.71 13.55 1.12
N PRO A 3 1.09 12.60 0.40
CA PRO A 3 0.54 11.38 1.01
C PRO A 3 1.62 10.51 1.67
N LYS A 4 1.32 9.98 2.85
CA LYS A 4 2.28 9.20 3.60
C LYS A 4 2.22 7.72 3.21
N LYS A 5 3.38 7.07 3.24
CA LYS A 5 3.48 5.64 2.91
C LYS A 5 2.72 4.78 3.90
N PRO A 6 1.98 3.78 3.39
CA PRO A 6 1.26 2.81 4.22
C PRO A 6 2.23 1.91 5.01
N LYS A 7 1.80 1.47 6.19
CA LYS A 7 2.64 0.61 7.03
C LYS A 7 2.77 -0.79 6.44
N LYS A 8 4.00 -1.24 6.26
CA LYS A 8 4.27 -2.60 5.80
C LYS A 8 3.67 -3.62 6.76
N PRO A 9 2.91 -4.60 6.26
CA PRO A 9 2.29 -5.63 7.09
C PRO A 9 3.28 -6.73 7.47
N GLY A 10 3.36 -7.04 8.76
CA GLY A 10 4.25 -8.09 9.20
C GLY A 10 3.50 -9.19 9.91
C2 6ZS A 11 3.08 -9.53 13.46
N 6ZS A 11 4.21 -9.93 10.76
CA 6ZS A 11 3.64 -11.05 11.54
CB1 6ZS A 11 4.72 -11.69 12.40
C 6ZS A 11 3.07 -12.10 10.58
O 6ZS A 11 2.05 -12.74 10.87
CB 6ZS A 11 2.54 -10.54 12.46
H1 6ZS A 11 2.28 -9.15 14.07
H4 6ZS A 11 3.56 -8.72 12.92
H3 6ZS A 11 3.81 -10.02 14.09
H 6ZS A 11 5.17 -9.73 10.87
H7 6ZS A 11 4.28 -12.47 13.00
H8 6ZS A 11 5.16 -10.94 13.05
H9 6ZS A 11 5.48 -12.11 11.78
H10 6ZS A 11 1.77 -10.06 11.88
H11 6ZS A 11 2.11 -11.36 13.02
N ASN A 12 3.75 -12.28 9.45
CA ASN A 12 3.34 -13.23 8.41
C ASN A 12 1.99 -12.82 7.83
N ALA A 13 2.01 -11.85 6.93
CA ALA A 13 0.79 -11.35 6.30
C ALA A 13 0.21 -12.38 5.34
N THR A 14 -1.12 -12.42 5.27
CA THR A 14 -1.81 -13.37 4.42
C THR A 14 -1.86 -12.84 2.99
N PRO A 15 -1.88 -13.71 1.96
CA PRO A 15 -1.90 -13.26 0.56
C PRO A 15 -2.96 -12.19 0.29
N GLU A 16 -4.17 -12.37 0.85
CA GLU A 16 -5.25 -11.41 0.65
C GLU A 16 -4.91 -10.05 1.26
N LYS A 17 -4.37 -10.05 2.48
CA LYS A 17 -4.01 -8.81 3.15
C LYS A 17 -2.79 -8.18 2.46
N LEU A 18 -1.93 -9.03 1.94
CA LEU A 18 -0.74 -8.59 1.23
C LEU A 18 -1.15 -7.92 -0.09
N ALA A 19 -2.17 -8.50 -0.72
CA ALA A 19 -2.71 -7.96 -1.96
C ALA A 19 -3.41 -6.62 -1.68
N ALA A 20 -4.14 -6.58 -0.58
CA ALA A 20 -4.77 -5.35 -0.14
C ALA A 20 -3.72 -4.27 0.11
N TYR A 21 -2.62 -4.66 0.75
CA TYR A 21 -1.51 -3.75 0.96
C TYR A 21 -0.94 -3.26 -0.38
N GLU A 22 -0.80 -4.17 -1.34
CA GLU A 22 -0.30 -3.80 -2.66
C GLU A 22 -1.24 -2.81 -3.35
N LYS A 23 -2.55 -2.99 -3.18
CA LYS A 23 -3.51 -2.05 -3.74
C LYS A 23 -3.40 -0.69 -3.05
N GLU A 24 -3.24 -0.69 -1.73
CA GLU A 24 -3.05 0.55 -0.98
C GLU A 24 -1.73 1.24 -1.36
N LEU A 25 -0.70 0.44 -1.61
CA LEU A 25 0.57 0.98 -2.12
C LEU A 25 0.37 1.56 -3.52
N ALA A 26 -0.45 0.88 -4.32
CA ALA A 26 -0.80 1.36 -5.64
C ALA A 26 -1.56 2.68 -5.55
N ALA A 27 -2.44 2.76 -4.56
CA ALA A 27 -3.15 3.99 -4.26
C ALA A 27 -2.17 5.09 -3.89
N TYR A 28 -1.16 4.74 -3.08
CA TYR A 28 -0.08 5.67 -2.76
C TYR A 28 0.59 6.18 -4.04
N GLU A 29 0.90 5.27 -4.95
CA GLU A 29 1.53 5.64 -6.22
C GLU A 29 0.60 6.54 -7.05
N LYS A 30 -0.67 6.17 -7.13
CA LYS A 30 -1.64 6.94 -7.91
C LYS A 30 -1.84 8.33 -7.31
N GLU A 31 -1.97 8.40 -5.99
CA GLU A 31 -2.15 9.66 -5.30
C GLU A 31 -0.88 10.51 -5.36
N LEU A 32 0.28 9.86 -5.31
CA LEU A 32 1.56 10.55 -5.41
C LEU A 32 1.70 11.17 -6.79
N ALA A 33 1.27 10.42 -7.81
CA ALA A 33 1.29 10.90 -9.19
C ALA A 33 0.30 12.05 -9.37
N ALA A 34 -0.87 11.90 -8.76
CA ALA A 34 -1.89 12.94 -8.81
C ALA A 34 -1.41 14.21 -8.10
N TYR A 35 -0.60 14.04 -7.08
CA TYR A 35 -0.02 15.17 -6.36
C TYR A 35 0.94 15.92 -7.27
N NH2 A 36 2.00 15.26 -7.68
HN1 NH2 A 36 2.11 14.33 -7.37
HN2 NH2 A 36 2.64 15.72 -8.28
C ACE A 1 -1.00 16.20 1.47
O ACE A 1 -1.72 15.65 0.64
CH3 ACE A 1 -1.52 17.37 2.29
H1 ACE A 1 -0.73 18.10 2.36
H2 ACE A 1 -1.80 17.02 3.26
H3 ACE A 1 -2.39 17.77 1.78
N PRO A 2 0.25 15.78 1.70
CA PRO A 2 0.84 14.65 0.97
C PRO A 2 0.32 13.30 1.46
N PRO A 3 0.08 12.35 0.54
CA PRO A 3 -0.39 11.02 0.90
C PRO A 3 0.69 10.24 1.65
N LYS A 4 0.31 9.66 2.78
CA LYS A 4 1.27 9.00 3.65
C LYS A 4 1.35 7.50 3.32
N LYS A 5 2.56 6.96 3.37
CA LYS A 5 2.79 5.56 3.02
C LYS A 5 2.04 4.62 3.95
N PRO A 6 1.32 3.65 3.38
CA PRO A 6 0.58 2.66 4.16
C PRO A 6 1.53 1.75 4.96
N LYS A 7 1.10 1.34 6.15
CA LYS A 7 1.89 0.45 7.01
C LYS A 7 2.39 -0.76 6.23
N LYS A 8 3.71 -0.81 6.00
CA LYS A 8 4.31 -1.92 5.28
C LYS A 8 4.31 -3.18 6.15
N PRO A 9 3.70 -4.27 5.67
CA PRO A 9 3.63 -5.52 6.41
C PRO A 9 4.88 -6.36 6.21
N GLY A 10 5.10 -7.30 7.12
CA GLY A 10 6.21 -8.23 6.96
C GLY A 10 5.83 -9.35 6.00
C2 6ZS A 11 8.97 -10.76 3.82
N 6ZS A 11 6.83 -10.08 5.50
CA 6ZS A 11 6.62 -11.18 4.55
CB1 6ZS A 11 6.02 -10.65 3.25
C 6ZS A 11 5.69 -12.24 5.16
O 6ZS A 11 5.07 -13.03 4.44
CB 6ZS A 11 7.95 -11.82 4.21
H1 6ZS A 11 8.61 -10.20 2.98
H4 6ZS A 11 9.91 -11.24 3.56
H3 6ZS A 11 9.13 -10.09 4.65
H 6ZS A 11 7.75 -9.87 5.78
H7 6ZS A 11 5.05 -10.21 3.46
H8 6ZS A 11 5.90 -11.47 2.55
H9 6ZS A 11 6.68 -9.90 2.83
H10 6ZS A 11 8.34 -12.37 5.06
H11 6ZS A 11 7.84 -12.49 3.36
N ASN A 12 5.58 -12.24 6.48
CA ASN A 12 4.73 -13.18 7.20
C ASN A 12 3.24 -12.76 7.15
N ALA A 13 2.89 -11.94 6.17
CA ALA A 13 1.51 -11.53 5.97
C ALA A 13 0.81 -12.50 5.03
N THR A 14 -0.51 -12.57 5.13
CA THR A 14 -1.27 -13.48 4.31
C THR A 14 -1.52 -12.87 2.93
N PRO A 15 -1.62 -13.69 1.86
CA PRO A 15 -1.82 -13.19 0.49
C PRO A 15 -2.91 -12.12 0.40
N GLU A 16 -4.04 -12.32 1.10
CA GLU A 16 -5.13 -11.34 1.08
C GLU A 16 -4.68 -9.99 1.66
N LYS A 17 -4.02 -10.03 2.81
CA LYS A 17 -3.55 -8.81 3.47
C LYS A 17 -2.43 -8.16 2.66
N LEU A 18 -1.62 -9.00 2.03
CA LEU A 18 -0.52 -8.54 1.20
C LEU A 18 -1.08 -7.88 -0.06
N ALA A 19 -2.18 -8.42 -0.55
CA ALA A 19 -2.87 -7.88 -1.71
C ALA A 19 -3.53 -6.56 -1.37
N ALA A 20 -4.12 -6.49 -0.18
CA ALA A 20 -4.67 -5.25 0.33
C ALA A 20 -3.60 -4.18 0.38
N TYR A 21 -2.43 -4.55 0.90
CA TYR A 21 -1.30 -3.65 0.94
C TYR A 21 -0.87 -3.28 -0.49
N GLU A 22 -0.92 -4.23 -1.39
CA GLU A 22 -0.56 -4.01 -2.79
C GLU A 22 -1.47 -2.94 -3.41
N LYS A 23 -2.77 -3.05 -3.15
CA LYS A 23 -3.73 -2.10 -3.68
C LYS A 23 -3.52 -0.71 -3.05
N GLU A 24 -3.29 -0.68 -1.74
CA GLU A 24 -3.02 0.59 -1.06
C GLU A 24 -1.70 1.21 -1.52
N LEU A 25 -0.72 0.38 -1.85
CA LEU A 25 0.55 0.87 -2.36
C LEU A 25 0.34 1.44 -3.77
N ALA A 26 -0.46 0.75 -4.57
CA ALA A 26 -0.80 1.23 -5.91
C ALA A 26 -1.54 2.56 -5.83
N ALA A 27 -2.48 2.63 -4.90
CA ALA A 27 -3.21 3.86 -4.63
C ALA A 27 -2.26 4.96 -4.19
N TYR A 28 -1.30 4.61 -3.33
CA TYR A 28 -0.27 5.56 -2.91
C TYR A 28 0.47 6.14 -4.12
N GLU A 29 0.87 5.26 -5.04
CA GLU A 29 1.58 5.68 -6.25
C GLU A 29 0.71 6.60 -7.10
N LYS A 30 -0.57 6.24 -7.23
CA LYS A 30 -1.50 7.04 -8.03
C LYS A 30 -1.72 8.41 -7.37
N GLU A 31 -1.94 8.40 -6.06
CA GLU A 31 -2.14 9.65 -5.31
C GLU A 31 -0.88 10.49 -5.31
N LEU A 32 0.28 9.84 -5.28
CA LEU A 32 1.56 10.54 -5.29
C LEU A 32 1.76 11.21 -6.64
N ALA A 33 1.35 10.52 -7.70
CA ALA A 33 1.43 11.07 -9.05
C ALA A 33 0.45 12.23 -9.21
N ALA A 34 -0.75 12.06 -8.67
CA ALA A 34 -1.77 13.09 -8.71
C ALA A 34 -1.35 14.32 -7.90
N TYR A 35 -0.60 14.08 -6.83
CA TYR A 35 -0.10 15.16 -5.98
C TYR A 35 1.01 15.92 -6.71
N NH2 A 36 2.14 15.27 -6.91
HN1 NH2 A 36 2.20 14.34 -6.59
HN2 NH2 A 36 2.87 15.74 -7.37
C ACE A 1 0.70 16.64 1.36
O ACE A 1 -0.22 16.42 0.57
CH3 ACE A 1 0.61 17.80 2.31
H1 ACE A 1 0.84 17.43 3.32
H2 ACE A 1 -0.39 18.21 2.30
H3 ACE A 1 1.31 18.55 2.01
N PRO A 2 1.79 15.87 1.40
CA PRO A 2 1.94 14.69 0.55
C PRO A 2 1.27 13.47 1.18
N PRO A 3 0.72 12.56 0.35
CA PRO A 3 0.06 11.34 0.83
C PRO A 3 1.00 10.48 1.68
N LYS A 4 0.50 10.00 2.81
CA LYS A 4 1.33 9.25 3.74
C LYS A 4 1.43 7.79 3.32
N LYS A 5 2.61 7.21 3.53
CA LYS A 5 2.85 5.81 3.20
C LYS A 5 2.02 4.90 4.09
N PRO A 6 1.37 3.90 3.49
CA PRO A 6 0.56 2.91 4.23
C PRO A 6 1.42 2.10 5.20
N LYS A 7 0.82 1.71 6.32
CA LYS A 7 1.51 0.90 7.32
C LYS A 7 1.94 -0.43 6.73
N LYS A 8 3.26 -0.62 6.59
CA LYS A 8 3.79 -1.82 5.94
C LYS A 8 3.67 -3.05 6.85
N PRO A 9 3.05 -4.13 6.34
CA PRO A 9 3.02 -5.41 7.01
C PRO A 9 4.23 -6.27 6.65
N GLY A 10 4.53 -7.26 7.48
CA GLY A 10 5.59 -8.17 7.17
C GLY A 10 5.06 -9.55 6.82
C2 6ZS A 11 7.88 -12.42 6.52
N 6ZS A 11 5.83 -10.58 7.14
CA 6ZS A 11 5.45 -11.99 6.90
CB1 6ZS A 11 5.10 -12.21 5.43
C 6ZS A 11 4.25 -12.35 7.79
O 6ZS A 11 3.68 -13.43 7.67
CB 6ZS A 11 6.62 -12.89 7.23
H1 6ZS A 11 8.10 -11.40 6.82
H4 6ZS A 11 7.73 -12.46 5.45
H3 6ZS A 11 8.71 -13.06 6.80
H 6ZS A 11 6.71 -10.39 7.55
H7 6ZS A 11 5.96 -11.99 4.82
H8 6ZS A 11 4.28 -11.56 5.16
H9 6ZS A 11 4.81 -13.24 5.29
H10 6ZS A 11 6.81 -12.89 8.30
H11 6ZS A 11 6.41 -13.90 6.90
N ASN A 12 3.88 -11.44 8.68
CA ASN A 12 2.77 -11.65 9.59
C ASN A 12 1.44 -11.25 8.94
N ALA A 13 1.40 -11.30 7.61
CA ALA A 13 0.19 -10.93 6.88
C ALA A 13 -0.17 -12.02 5.88
N THR A 14 -1.45 -12.21 5.66
CA THR A 14 -1.93 -13.24 4.77
C THR A 14 -1.97 -12.72 3.33
N PRO A 15 -1.88 -13.60 2.31
CA PRO A 15 -1.89 -13.17 0.89
C PRO A 15 -2.98 -12.13 0.57
N GLU A 16 -4.18 -12.33 1.10
CA GLU A 16 -5.28 -11.39 0.83
C GLU A 16 -4.94 -10.00 1.39
N LYS A 17 -4.45 -9.95 2.63
CA LYS A 17 -4.08 -8.67 3.25
C LYS A 17 -2.84 -8.09 2.57
N LEU A 18 -1.97 -8.96 2.10
CA LEU A 18 -0.76 -8.54 1.42
C LEU A 18 -1.12 -7.93 0.06
N ALA A 19 -2.13 -8.52 -0.57
CA ALA A 19 -2.66 -8.03 -1.82
C ALA A 19 -3.36 -6.69 -1.60
N ALA A 20 -4.11 -6.60 -0.51
CA ALA A 20 -4.74 -5.35 -0.12
C ALA A 20 -3.69 -4.27 0.10
N TYR A 21 -2.57 -4.64 0.72
CA TYR A 21 -1.46 -3.72 0.90
C TYR A 21 -0.89 -3.29 -0.44
N GLU A 22 -0.77 -4.23 -1.38
CA GLU A 22 -0.29 -3.90 -2.72
C GLU A 22 -1.21 -2.88 -3.39
N LYS A 23 -2.53 -3.05 -3.24
CA LYS A 23 -3.49 -2.10 -3.77
C LYS A 23 -3.34 -0.75 -3.06
N GLU A 24 -3.05 -0.79 -1.76
CA GLU A 24 -2.84 0.44 -0.99
C GLU A 24 -1.58 1.16 -1.46
N LEU A 25 -0.53 0.40 -1.79
CA LEU A 25 0.67 0.99 -2.37
C LEU A 25 0.36 1.58 -3.75
N ALA A 26 -0.48 0.87 -4.51
CA ALA A 26 -0.94 1.36 -5.80
C ALA A 26 -1.69 2.67 -5.64
N ALA A 27 -2.52 2.74 -4.61
CA ALA A 27 -3.23 3.96 -4.26
C ALA A 27 -2.26 5.07 -3.89
N TYR A 28 -1.22 4.70 -3.13
CA TYR A 28 -0.15 5.64 -2.79
C TYR A 28 0.51 6.18 -4.06
N GLU A 29 0.76 5.31 -5.02
CA GLU A 29 1.36 5.71 -6.28
C GLU A 29 0.42 6.61 -7.08
N LYS A 30 -0.86 6.25 -7.13
CA LYS A 30 -1.86 7.03 -7.84
C LYS A 30 -2.00 8.42 -7.21
N GLU A 31 -2.03 8.46 -5.89
CA GLU A 31 -2.11 9.73 -5.15
C GLU A 31 -0.82 10.54 -5.30
N LEU A 32 0.31 9.86 -5.29
CA LEU A 32 1.61 10.53 -5.39
C LEU A 32 1.77 11.14 -6.78
N ALA A 33 1.30 10.41 -7.79
CA ALA A 33 1.33 10.89 -9.17
C ALA A 33 0.37 12.05 -9.34
N ALA A 34 -0.80 11.94 -8.73
CA ALA A 34 -1.77 13.02 -8.76
C ALA A 34 -1.24 14.26 -8.04
N TYR A 35 -0.40 14.05 -7.04
CA TYR A 35 0.22 15.17 -6.32
C TYR A 35 1.23 15.87 -7.23
N NH2 A 36 2.34 15.18 -7.50
HN1 NH2 A 36 2.44 14.28 -7.13
HN2 NH2 A 36 3.01 15.61 -8.09
C ACE A 1 -0.17 16.40 1.37
O ACE A 1 -0.97 16.04 0.51
CH3 ACE A 1 -0.46 17.61 2.21
H1 ACE A 1 0.46 18.19 2.31
H2 ACE A 1 -0.79 17.31 3.18
H3 ACE A 1 -1.23 18.20 1.72
N PRO A 2 0.98 15.74 1.58
CA PRO A 2 1.34 14.54 0.83
C PRO A 2 0.65 13.29 1.37
N PRO A 3 0.26 12.36 0.48
CA PRO A 3 -0.38 11.10 0.86
C PRO A 3 0.55 10.25 1.74
N LYS A 4 -0.02 9.59 2.73
CA LYS A 4 0.77 8.82 3.69
C LYS A 4 1.15 7.46 3.12
N LYS A 5 2.39 7.04 3.39
CA LYS A 5 2.90 5.76 2.93
C LYS A 5 2.37 4.65 3.82
N PRO A 6 1.58 3.70 3.25
CA PRO A 6 0.92 2.65 4.04
C PRO A 6 1.91 1.75 4.77
N LYS A 7 1.57 1.40 6.00
CA LYS A 7 2.39 0.53 6.85
C LYS A 7 2.74 -0.77 6.11
N LYS A 8 4.03 -1.03 5.98
CA LYS A 8 4.49 -2.26 5.35
C LYS A 8 4.28 -3.45 6.28
N PRO A 9 3.65 -4.52 5.79
CA PRO A 9 3.44 -5.75 6.57
C PRO A 9 4.73 -6.57 6.65
N GLY A 10 4.83 -7.40 7.67
CA GLY A 10 6.01 -8.24 7.83
C GLY A 10 5.80 -9.62 7.26
C2 6ZS A 11 7.84 -14.13 7.23
N 6ZS A 11 6.64 -10.57 7.68
CA 6ZS A 11 6.57 -11.96 7.22
CB1 6ZS A 11 6.81 -12.04 5.73
C 6ZS A 11 5.18 -12.54 7.57
O 6ZS A 11 4.67 -13.41 6.87
CB 6ZS A 11 7.66 -12.79 7.92
H1 6ZS A 11 8.18 -13.97 6.22
H4 6ZS A 11 6.90 -14.66 7.22
H3 6ZS A 11 8.58 -14.71 7.77
H 6ZS A 11 7.35 -10.31 8.31
H7 6ZS A 11 6.70 -13.05 5.39
H8 6ZS A 11 7.80 -11.68 5.50
H9 6ZS A 11 6.08 -11.41 5.21
H10 6ZS A 11 8.60 -12.27 7.89
H11 6ZS A 11 7.38 -12.97 8.94
N ASN A 12 4.58 -12.02 8.64
CA ASN A 12 3.24 -12.45 9.05
C ASN A 12 2.20 -11.66 8.28
N ALA A 13 2.09 -11.97 6.99
CA ALA A 13 1.08 -11.35 6.16
C ALA A 13 0.24 -12.41 5.46
N THR A 14 -1.06 -12.19 5.46
CA THR A 14 -1.96 -13.08 4.75
C THR A 14 -2.09 -12.62 3.30
N PRO A 15 -2.38 -13.52 2.33
CA PRO A 15 -2.53 -13.13 0.93
C PRO A 15 -3.49 -11.94 0.75
N GLU A 16 -4.62 -11.96 1.47
CA GLU A 16 -5.60 -10.89 1.35
C GLU A 16 -5.05 -9.57 1.87
N LYS A 17 -4.30 -9.61 2.97
CA LYS A 17 -3.73 -8.40 3.55
C LYS A 17 -2.56 -7.91 2.71
N LEU A 18 -1.83 -8.83 2.11
CA LEU A 18 -0.71 -8.51 1.26
C LEU A 18 -1.21 -7.90 -0.05
N ALA A 19 -2.35 -8.41 -0.51
CA ALA A 19 -3.02 -7.88 -1.69
C ALA A 19 -3.59 -6.50 -1.39
N ALA A 20 -4.15 -6.37 -0.19
CA ALA A 20 -4.64 -5.08 0.28
C ALA A 20 -3.51 -4.07 0.32
N TYR A 21 -2.36 -4.48 0.85
CA TYR A 21 -1.19 -3.63 0.88
C TYR A 21 -0.76 -3.26 -0.54
N GLU A 22 -0.80 -4.24 -1.44
CA GLU A 22 -0.42 -4.01 -2.83
C GLU A 22 -1.34 -2.99 -3.50
N LYS A 23 -2.64 -3.10 -3.25
CA LYS A 23 -3.61 -2.18 -3.83
C LYS A 23 -3.47 -0.78 -3.24
N GLU A 24 -3.28 -0.70 -1.92
CA GLU A 24 -3.12 0.58 -1.25
C GLU A 24 -1.76 1.21 -1.57
N LEU A 25 -0.76 0.38 -1.83
CA LEU A 25 0.54 0.88 -2.26
C LEU A 25 0.43 1.44 -3.68
N ALA A 26 -0.33 0.73 -4.52
CA ALA A 26 -0.63 1.21 -5.87
C ALA A 26 -1.40 2.52 -5.79
N ALA A 27 -2.35 2.57 -4.87
CA ALA A 27 -3.11 3.79 -4.60
C ALA A 27 -2.18 4.91 -4.16
N TYR A 28 -1.23 4.57 -3.30
CA TYR A 28 -0.21 5.53 -2.86
C TYR A 28 0.53 6.12 -4.07
N GLU A 29 0.91 5.25 -5.00
CA GLU A 29 1.59 5.70 -6.22
C GLU A 29 0.68 6.59 -7.05
N LYS A 30 -0.59 6.20 -7.17
CA LYS A 30 -1.56 6.97 -7.95
C LYS A 30 -1.80 8.34 -7.31
N GLU A 31 -2.01 8.36 -6.00
CA GLU A 31 -2.23 9.61 -5.27
C GLU A 31 -0.96 10.47 -5.28
N LEU A 32 0.20 9.82 -5.25
CA LEU A 32 1.47 10.54 -5.29
C LEU A 32 1.69 11.16 -6.67
N ALA A 33 1.21 10.47 -7.70
CA ALA A 33 1.27 10.99 -9.05
C ALA A 33 0.32 12.17 -9.22
N ALA A 34 -0.87 12.05 -8.63
CA ALA A 34 -1.84 13.13 -8.64
C ALA A 34 -1.31 14.33 -7.87
N TYR A 35 -0.61 14.07 -6.77
CA TYR A 35 0.01 15.14 -5.99
C TYR A 35 1.51 15.16 -6.27
N NH2 A 36 1.87 15.46 -7.51
HN1 NH2 A 36 1.17 15.66 -8.16
HN2 NH2 A 36 2.83 15.47 -7.72
C ACE A 1 -1.99 15.99 0.88
O ACE A 1 -2.55 15.26 0.06
CH3 ACE A 1 -2.71 17.17 1.48
H1 ACE A 1 -3.50 17.47 0.80
H2 ACE A 1 -2.02 17.98 1.61
H3 ACE A 1 -3.11 16.87 2.44
N PRO A 2 -0.72 15.74 1.28
CA PRO A 2 0.07 14.64 0.74
C PRO A 2 -0.42 13.29 1.25
N PRO A 3 -0.53 12.29 0.35
CA PRO A 3 -1.03 10.96 0.71
C PRO A 3 -0.09 10.21 1.65
N LYS A 4 -0.66 9.62 2.70
CA LYS A 4 0.12 8.90 3.70
C LYS A 4 0.54 7.52 3.20
N LYS A 5 1.72 7.08 3.61
CA LYS A 5 2.21 5.74 3.27
C LYS A 5 1.53 4.69 4.14
N PRO A 6 0.99 3.65 3.51
CA PRO A 6 0.34 2.54 4.23
C PRO A 6 1.35 1.68 4.99
N LYS A 7 0.92 1.14 6.14
CA LYS A 7 1.76 0.26 6.94
C LYS A 7 2.32 -0.89 6.11
N LYS A 8 3.63 -0.94 5.98
CA LYS A 8 4.28 -1.98 5.21
C LYS A 8 4.40 -3.26 6.02
N PRO A 9 3.78 -4.36 5.55
CA PRO A 9 3.84 -5.65 6.22
C PRO A 9 5.11 -6.41 5.86
N GLY A 10 5.59 -7.25 6.77
CA GLY A 10 6.79 -8.01 6.53
C GLY A 10 6.49 -9.35 5.89
C2 6ZS A 11 9.84 -11.58 5.14
N 6ZS A 11 7.45 -10.27 5.96
CA 6ZS A 11 7.35 -11.59 5.33
CB1 6ZS A 11 7.18 -11.46 3.83
C 6ZS A 11 6.17 -12.38 5.92
O 6ZS A 11 5.65 -13.29 5.29
CB 6ZS A 11 8.63 -12.38 5.58
H1 6ZS A 11 10.74 -12.13 5.36
H4 6ZS A 11 9.86 -10.64 5.67
H3 6ZS A 11 9.79 -11.39 4.08
H 6ZS A 11 8.27 -10.04 6.44
H7 6ZS A 11 7.15 -12.44 3.38
H8 6ZS A 11 8.00 -10.90 3.43
H9 6ZS A 11 6.26 -10.94 3.62
H10 6ZS A 11 8.74 -12.60 6.63
H11 6ZS A 11 8.62 -13.30 5.01
N ASN A 12 5.73 -12.00 7.12
CA ASN A 12 4.62 -12.70 7.78
C ASN A 12 3.27 -12.16 7.29
N ALA A 13 3.22 -11.72 6.04
CA ALA A 13 2.00 -11.19 5.47
C ALA A 13 1.23 -12.28 4.76
N THR A 14 -0.08 -12.30 4.96
CA THR A 14 -0.93 -13.26 4.31
C THR A 14 -1.35 -12.74 2.94
N PRO A 15 -1.57 -13.61 1.94
CA PRO A 15 -1.91 -13.18 0.58
C PRO A 15 -3.00 -12.10 0.54
N GLU A 16 -4.06 -12.26 1.34
CA GLU A 16 -5.14 -11.27 1.35
C GLU A 16 -4.65 -9.91 1.84
N LYS A 17 -3.85 -9.92 2.91
CA LYS A 17 -3.29 -8.68 3.47
C LYS A 17 -2.24 -8.10 2.55
N LEU A 18 -1.52 -8.97 1.86
CA LEU A 18 -0.47 -8.55 0.96
C LEU A 18 -1.09 -7.90 -0.27
N ALA A 19 -2.21 -8.45 -0.72
CA ALA A 19 -2.98 -7.90 -1.81
C ALA A 19 -3.61 -6.58 -1.40
N ALA A 20 -4.07 -6.52 -0.15
CA ALA A 20 -4.57 -5.28 0.42
C ALA A 20 -3.50 -4.21 0.39
N TYR A 21 -2.31 -4.57 0.86
CA TYR A 21 -1.18 -3.65 0.84
C TYR A 21 -0.84 -3.26 -0.60
N GLU A 22 -0.96 -4.20 -1.52
CA GLU A 22 -0.70 -3.94 -2.93
C GLU A 22 -1.64 -2.85 -3.45
N LYS A 23 -2.93 -2.96 -3.11
CA LYS A 23 -3.90 -1.95 -3.51
C LYS A 23 -3.59 -0.61 -2.85
N GLU A 24 -3.24 -0.63 -1.57
CA GLU A 24 -2.91 0.60 -0.85
C GLU A 24 -1.65 1.25 -1.40
N LEU A 25 -0.66 0.43 -1.76
CA LEU A 25 0.61 0.93 -2.28
C LEU A 25 0.38 1.50 -3.69
N ALA A 26 -0.41 0.80 -4.49
CA ALA A 26 -0.75 1.26 -5.82
C ALA A 26 -1.50 2.58 -5.75
N ALA A 27 -2.47 2.64 -4.83
CA ALA A 27 -3.23 3.85 -4.58
C ALA A 27 -2.31 4.98 -4.13
N TYR A 28 -1.37 4.64 -3.27
CA TYR A 28 -0.37 5.61 -2.81
C TYR A 28 0.41 6.18 -3.99
N GLU A 29 0.85 5.30 -4.89
CA GLU A 29 1.61 5.73 -6.06
C GLU A 29 0.76 6.58 -7.00
N LYS A 30 -0.50 6.19 -7.19
CA LYS A 30 -1.40 6.94 -8.06
C LYS A 30 -1.71 8.31 -7.46
N GLU A 31 -1.96 8.35 -6.16
CA GLU A 31 -2.21 9.61 -5.47
C GLU A 31 -0.93 10.45 -5.40
N LEU A 32 0.22 9.80 -5.30
CA LEU A 32 1.49 10.51 -5.28
C LEU A 32 1.74 11.15 -6.64
N ALA A 33 1.33 10.45 -7.70
CA ALA A 33 1.42 10.96 -9.05
C ALA A 33 0.49 12.14 -9.23
N ALA A 34 -0.75 12.00 -8.76
CA ALA A 34 -1.73 13.07 -8.82
C ALA A 34 -1.32 14.26 -7.97
N TYR A 35 -0.52 14.00 -6.94
CA TYR A 35 0.00 15.07 -6.08
C TYR A 35 1.10 15.83 -6.81
N NH2 A 36 2.25 15.19 -6.99
HN1 NH2 A 36 2.32 14.27 -6.65
HN2 NH2 A 36 2.97 15.67 -7.45
C ACE A 1 0.49 16.38 1.24
O ACE A 1 -0.32 15.92 0.44
CH3 ACE A 1 0.17 17.64 2.00
H1 ACE A 1 1.05 18.27 2.02
H2 ACE A 1 -0.11 17.38 3.01
H3 ACE A 1 -0.66 18.13 1.52
N PRO A 2 1.68 15.79 1.45
CA PRO A 2 2.09 14.58 0.75
C PRO A 2 1.47 13.33 1.36
N PRO A 3 0.98 12.40 0.52
CA PRO A 3 0.30 11.19 0.98
C PRO A 3 1.21 10.30 1.84
N LYS A 4 0.68 9.80 2.94
CA LYS A 4 1.44 8.98 3.87
C LYS A 4 1.50 7.54 3.40
N LYS A 5 2.65 6.91 3.58
CA LYS A 5 2.83 5.50 3.20
C LYS A 5 1.99 4.59 4.09
N PRO A 6 1.30 3.61 3.49
CA PRO A 6 0.53 2.62 4.24
C PRO A 6 1.42 1.75 5.11
N LYS A 7 0.94 1.39 6.31
CA LYS A 7 1.70 0.58 7.26
C LYS A 7 2.12 -0.75 6.63
N LYS A 8 3.42 -0.92 6.44
CA LYS A 8 3.95 -2.11 5.77
C LYS A 8 3.84 -3.36 6.65
N PRO A 9 3.20 -4.41 6.12
CA PRO A 9 3.18 -5.74 6.74
C PRO A 9 4.54 -6.42 6.66
N GLY A 10 4.74 -7.43 7.48
CA GLY A 10 5.98 -8.18 7.43
C GLY A 10 5.80 -9.50 6.71
C2 6ZS A 11 9.30 -11.73 5.87
N 6ZS A 11 6.79 -10.39 6.87
CA 6ZS A 11 6.80 -11.71 6.20
CB1 6ZS A 11 6.71 -11.53 4.69
C 6ZS A 11 5.63 -12.55 6.69
O 6ZS A 11 5.23 -13.52 6.03
CB 6ZS A 11 8.11 -12.44 6.50
H1 6ZS A 11 10.21 -12.25 6.13
H4 6ZS A 11 9.35 -10.71 6.21
H3 6ZS A 11 9.19 -11.73 4.79
H 6ZS A 11 7.53 -10.15 7.46
H7 6ZS A 11 6.80 -12.49 4.21
H8 6ZS A 11 7.50 -10.88 4.35
H9 6ZS A 11 5.76 -11.09 4.43
H10 6ZS A 11 8.27 -12.47 7.56
H11 6ZS A 11 8.06 -13.44 6.10
N ASN A 12 5.06 -12.20 7.84
CA ASN A 12 3.96 -12.95 8.41
C ASN A 12 2.62 -12.36 7.96
N ALA A 13 2.55 -11.91 6.72
CA ALA A 13 1.31 -11.36 6.16
C ALA A 13 0.63 -12.40 5.29
N THR A 14 -0.69 -12.36 5.28
CA THR A 14 -1.46 -13.31 4.50
C THR A 14 -1.61 -12.81 3.06
N PRO A 15 -1.73 -13.72 2.06
CA PRO A 15 -1.86 -13.31 0.65
C PRO A 15 -2.88 -12.20 0.44
N GLU A 16 -4.07 -12.33 1.03
CA GLU A 16 -5.13 -11.34 0.85
C GLU A 16 -4.75 -9.99 1.46
N LYS A 17 -4.11 -10.02 2.63
CA LYS A 17 -3.72 -8.78 3.31
C LYS A 17 -2.56 -8.13 2.57
N LEU A 18 -1.68 -8.96 2.01
CA LEU A 18 -0.52 -8.47 1.28
C LEU A 18 -0.96 -7.90 -0.07
N ALA A 19 -1.98 -8.50 -0.64
CA ALA A 19 -2.58 -8.00 -1.87
C ALA A 19 -3.34 -6.71 -1.61
N ALA A 20 -4.02 -6.66 -0.47
CA ALA A 20 -4.70 -5.45 -0.04
C ALA A 20 -3.70 -4.33 0.17
N TYR A 21 -2.57 -4.66 0.78
CA TYR A 21 -1.49 -3.71 0.95
C TYR A 21 -0.97 -3.23 -0.40
N GLU A 22 -0.81 -4.15 -1.36
CA GLU A 22 -0.35 -3.79 -2.69
C GLU A 22 -1.33 -2.82 -3.35
N LYS A 23 -2.63 -3.03 -3.13
CA LYS A 23 -3.64 -2.11 -3.65
C LYS A 23 -3.52 -0.74 -2.98
N GLU A 24 -3.26 -0.72 -1.67
CA GLU A 24 -3.04 0.54 -0.95
C GLU A 24 -1.77 1.23 -1.44
N LEU A 25 -0.74 0.45 -1.74
CA LEU A 25 0.51 1.00 -2.26
C LEU A 25 0.29 1.55 -3.66
N ALA A 26 -0.56 0.88 -4.43
CA ALA A 26 -0.97 1.36 -5.74
C ALA A 26 -1.69 2.69 -5.61
N ALA A 27 -2.60 2.77 -4.65
CA ALA A 27 -3.30 4.00 -4.33
C ALA A 27 -2.32 5.09 -3.94
N TYR A 28 -1.29 4.71 -3.18
CA TYR A 28 -0.20 5.62 -2.83
C TYR A 28 0.49 6.14 -4.10
N GLU A 29 0.78 5.24 -5.04
CA GLU A 29 1.42 5.63 -6.30
C GLU A 29 0.52 6.56 -7.10
N LYS A 30 -0.76 6.22 -7.19
CA LYS A 30 -1.72 7.01 -7.93
C LYS A 30 -1.87 8.41 -7.33
N GLU A 31 -1.99 8.45 -6.01
CA GLU A 31 -2.12 9.74 -5.30
C GLU A 31 -0.82 10.52 -5.35
N LEU A 32 0.31 9.82 -5.33
CA LEU A 32 1.62 10.47 -5.43
C LEU A 32 1.79 11.07 -6.82
N ALA A 33 1.27 10.38 -7.82
CA ALA A 33 1.31 10.87 -9.20
C ALA A 33 0.47 12.13 -9.32
N ALA A 34 -0.75 12.06 -8.81
CA ALA A 34 -1.66 13.20 -8.82
C ALA A 34 -1.09 14.35 -8.00
N TYR A 35 -0.38 14.02 -6.93
CA TYR A 35 0.22 15.02 -6.07
C TYR A 35 1.75 14.93 -6.16
N NH2 A 36 2.28 15.27 -7.32
HN1 NH2 A 36 1.68 15.57 -8.04
HN2 NH2 A 36 3.26 15.20 -7.42
C ACE A 1 -0.47 16.58 1.45
O ACE A 1 -1.25 16.23 0.56
CH3 ACE A 1 -0.80 17.73 2.35
H1 ACE A 1 -0.47 17.50 3.36
H2 ACE A 1 -1.86 17.89 2.35
H3 ACE A 1 -0.30 18.62 1.97
N PRO A 2 0.69 15.94 1.65
CA PRO A 2 1.12 14.80 0.84
C PRO A 2 0.49 13.48 1.33
N PRO A 3 0.17 12.56 0.41
CA PRO A 3 -0.42 11.27 0.77
C PRO A 3 0.53 10.42 1.61
N LYS A 4 0.02 9.89 2.71
CA LYS A 4 0.85 9.13 3.64
C LYS A 4 1.03 7.70 3.14
N LYS A 5 2.27 7.22 3.17
CA LYS A 5 2.59 5.88 2.67
C LYS A 5 2.19 4.81 3.68
N PRO A 6 1.64 3.69 3.18
CA PRO A 6 1.28 2.54 4.01
C PRO A 6 2.51 1.80 4.52
N LYS A 7 2.44 1.31 5.76
CA LYS A 7 3.59 0.64 6.38
C LYS A 7 3.63 -0.83 5.96
N LYS A 8 4.83 -1.32 5.70
CA LYS A 8 5.03 -2.66 5.15
C LYS A 8 4.63 -3.73 6.16
N PRO A 9 3.83 -4.72 5.74
CA PRO A 9 3.44 -5.85 6.59
C PRO A 9 4.56 -6.89 6.67
N GLY A 10 4.62 -7.59 7.80
CA GLY A 10 5.65 -8.59 7.99
C GLY A 10 5.39 -9.83 7.14
C2 6ZS A 11 8.83 -11.87 5.99
N 6ZS A 11 6.41 -10.69 7.02
CA 6ZS A 11 6.35 -11.91 6.21
CB1 6ZS A 11 6.20 -11.54 4.73
C 6ZS A 11 5.15 -12.78 6.64
O 6ZS A 11 4.63 -13.55 5.86
CB 6ZS A 11 7.62 -12.71 6.36
H1 6ZS A 11 8.77 -11.58 4.95
H4 6ZS A 11 9.73 -12.43 6.15
H3 6ZS A 11 8.85 -10.98 6.61
H 6ZS A 11 7.24 -10.49 7.50
H7 6ZS A 11 6.21 -12.44 4.14
H8 6ZS A 11 7.01 -10.91 4.44
H9 6ZS A 11 5.27 -11.03 4.58
H10 6ZS A 11 7.74 -13.04 7.38
H11 6ZS A 11 7.60 -13.57 5.70
N ASN A 12 4.75 -12.64 7.90
CA ASN A 12 3.60 -13.40 8.42
C ASN A 12 2.29 -12.65 8.17
N ALA A 13 2.13 -12.17 6.95
CA ALA A 13 0.90 -11.54 6.53
C ALA A 13 0.10 -12.49 5.67
N THR A 14 -1.22 -12.38 5.73
CA THR A 14 -2.07 -13.25 4.97
C THR A 14 -2.16 -12.77 3.52
N PRO A 15 -2.17 -13.68 2.52
CA PRO A 15 -2.12 -13.29 1.10
C PRO A 15 -3.08 -12.16 0.75
N GLU A 16 -4.32 -12.21 1.28
CA GLU A 16 -5.31 -11.19 0.97
C GLU A 16 -4.95 -9.83 1.58
N LYS A 17 -4.38 -9.83 2.78
CA LYS A 17 -3.97 -8.58 3.43
C LYS A 17 -2.74 -8.03 2.70
N LEU A 18 -1.91 -8.94 2.20
CA LEU A 18 -0.74 -8.59 1.43
C LEU A 18 -1.18 -7.97 0.10
N ALA A 19 -2.26 -8.53 -0.45
CA ALA A 19 -2.86 -8.01 -1.67
C ALA A 19 -3.46 -6.63 -1.42
N ALA A 20 -4.11 -6.48 -0.26
CA ALA A 20 -4.63 -5.19 0.17
C ALA A 20 -3.51 -4.16 0.25
N TYR A 21 -2.39 -4.57 0.82
CA TYR A 21 -1.22 -3.70 0.87
C TYR A 21 -0.78 -3.31 -0.54
N GLU A 22 -0.78 -4.26 -1.47
CA GLU A 22 -0.41 -3.98 -2.86
C GLU A 22 -1.37 -2.95 -3.48
N LYS A 23 -2.66 -3.13 -3.26
CA LYS A 23 -3.66 -2.21 -3.81
C LYS A 23 -3.50 -0.81 -3.22
N GLU A 24 -3.28 -0.73 -1.91
CA GLU A 24 -3.12 0.55 -1.24
C GLU A 24 -1.77 1.19 -1.57
N LEU A 25 -0.75 0.37 -1.83
CA LEU A 25 0.53 0.89 -2.28
C LEU A 25 0.40 1.47 -3.69
N ALA A 26 -0.37 0.78 -4.53
CA ALA A 26 -0.69 1.29 -5.87
C ALA A 26 -1.48 2.58 -5.75
N ALA A 27 -2.41 2.61 -4.81
CA ALA A 27 -3.15 3.82 -4.49
C ALA A 27 -2.22 4.95 -4.10
N TYR A 28 -1.26 4.64 -3.24
CA TYR A 28 -0.23 5.61 -2.84
C TYR A 28 0.47 6.18 -4.06
N GLU A 29 0.86 5.30 -4.97
CA GLU A 29 1.52 5.73 -6.21
C GLU A 29 0.59 6.63 -7.03
N LYS A 30 -0.68 6.25 -7.14
CA LYS A 30 -1.66 7.02 -7.88
C LYS A 30 -1.84 8.41 -7.27
N GLU A 31 -1.97 8.45 -5.94
CA GLU A 31 -2.14 9.71 -5.22
C GLU A 31 -0.87 10.55 -5.29
N LEU A 32 0.29 9.90 -5.27
CA LEU A 32 1.57 10.61 -5.33
C LEU A 32 1.74 11.24 -6.71
N ALA A 33 1.33 10.52 -7.75
CA ALA A 33 1.36 11.02 -9.11
C ALA A 33 0.36 12.15 -9.29
N ALA A 34 -0.80 12.02 -8.65
CA ALA A 34 -1.81 13.06 -8.69
C ALA A 34 -1.34 14.33 -7.97
N TYR A 35 -0.58 14.13 -6.90
CA TYR A 35 -0.03 15.24 -6.12
C TYR A 35 0.96 16.01 -6.97
N NH2 A 36 2.04 15.35 -7.36
HN1 NH2 A 36 2.13 14.41 -7.09
HN2 NH2 A 36 2.71 15.83 -7.90
C ACE A 1 -0.65 16.30 1.59
O ACE A 1 -1.52 15.85 0.85
CH3 ACE A 1 -0.94 17.49 2.46
H1 ACE A 1 -1.25 17.14 3.44
H2 ACE A 1 -1.73 18.07 2.02
H3 ACE A 1 -0.04 18.10 2.53
N PRO A 2 0.58 15.77 1.64
CA PRO A 2 0.96 14.59 0.86
C PRO A 2 0.38 13.30 1.46
N PRO A 3 0.00 12.34 0.61
CA PRO A 3 -0.52 11.03 1.06
C PRO A 3 0.52 10.24 1.84
N LYS A 4 0.08 9.57 2.90
CA LYS A 4 0.98 8.82 3.76
C LYS A 4 1.18 7.39 3.25
N LYS A 5 2.38 6.88 3.44
CA LYS A 5 2.73 5.54 2.98
C LYS A 5 2.08 4.48 3.86
N PRO A 6 1.41 3.50 3.24
CA PRO A 6 0.69 2.44 3.98
C PRO A 6 1.65 1.59 4.80
N LYS A 7 1.18 1.15 5.97
CA LYS A 7 1.99 0.33 6.87
C LYS A 7 2.43 -0.97 6.20
N LYS A 8 3.74 -1.18 6.15
CA LYS A 8 4.30 -2.40 5.54
C LYS A 8 3.97 -3.61 6.39
N PRO A 9 3.49 -4.71 5.78
CA PRO A 9 3.21 -5.94 6.49
C PRO A 9 4.48 -6.71 6.82
N GLY A 10 4.41 -7.61 7.79
CA GLY A 10 5.57 -8.38 8.19
C GLY A 10 5.69 -9.68 7.42
C2 6ZS A 11 9.30 -11.55 7.97
N 6ZS A 11 6.68 -10.49 7.80
CA 6ZS A 11 6.96 -11.78 7.14
CB1 6ZS A 11 7.37 -11.54 5.69
C 6ZS A 11 5.71 -12.67 7.19
O 6ZS A 11 5.41 -13.41 6.24
CB 6ZS A 11 8.10 -12.48 7.83
H1 6ZS A 11 10.11 -12.07 8.47
H4 6ZS A 11 9.02 -10.69 8.55
H3 6ZS A 11 9.63 -11.24 6.99
H 6ZS A 11 7.24 -10.22 8.55
H7 6ZS A 11 7.58 -12.49 5.22
H8 6ZS A 11 8.25 -10.91 5.67
H9 6ZS A 11 6.56 -11.05 5.16
H10 6ZS A 11 7.80 -12.79 8.82
H11 6ZS A 11 8.41 -13.35 7.26
N ASN A 12 4.97 -12.57 8.28
CA ASN A 12 3.77 -13.38 8.48
C ASN A 12 2.54 -12.66 7.92
N ALA A 13 2.67 -12.15 6.70
CA ALA A 13 1.57 -11.46 6.04
C ALA A 13 0.61 -12.46 5.41
N THR A 14 -0.68 -12.21 5.56
CA THR A 14 -1.67 -13.08 4.96
C THR A 14 -2.00 -12.60 3.55
N PRO A 15 -2.31 -13.52 2.60
CA PRO A 15 -2.54 -13.13 1.19
C PRO A 15 -3.46 -11.93 1.02
N GLU A 16 -4.57 -11.90 1.76
CA GLU A 16 -5.53 -10.81 1.64
C GLU A 16 -4.93 -9.49 2.12
N LYS A 17 -4.16 -9.53 3.21
CA LYS A 17 -3.53 -8.33 3.75
C LYS A 17 -2.40 -7.87 2.84
N LEU A 18 -1.70 -8.82 2.25
CA LEU A 18 -0.61 -8.53 1.35
C LEU A 18 -1.16 -7.92 0.07
N ALA A 19 -2.29 -8.45 -0.38
CA ALA A 19 -2.98 -7.95 -1.55
C ALA A 19 -3.56 -6.57 -1.28
N ALA A 20 -4.09 -6.39 -0.08
CA ALA A 20 -4.59 -5.09 0.35
C ALA A 20 -3.46 -4.07 0.36
N TYR A 21 -2.29 -4.51 0.82
CA TYR A 21 -1.10 -3.67 0.77
C TYR A 21 -0.75 -3.33 -0.68
N GLU A 22 -0.87 -4.30 -1.58
CA GLU A 22 -0.63 -4.05 -2.99
C GLU A 22 -1.56 -2.98 -3.54
N LYS A 23 -2.86 -3.10 -3.27
CA LYS A 23 -3.83 -2.12 -3.73
C LYS A 23 -3.55 -0.74 -3.15
N GLU A 24 -3.33 -0.69 -1.85
CA GLU A 24 -3.08 0.56 -1.17
C GLU A 24 -1.74 1.19 -1.60
N LEU A 25 -0.76 0.34 -1.92
CA LEU A 25 0.52 0.83 -2.41
C LEU A 25 0.36 1.41 -3.82
N ALA A 26 -0.41 0.72 -4.66
CA ALA A 26 -0.73 1.21 -5.99
C ALA A 26 -1.47 2.54 -5.89
N ALA A 27 -2.40 2.59 -4.94
CA ALA A 27 -3.14 3.81 -4.65
C ALA A 27 -2.20 4.91 -4.21
N TYR A 28 -1.25 4.57 -3.34
CA TYR A 28 -0.23 5.52 -2.90
C TYR A 28 0.50 6.13 -4.09
N GLU A 29 0.94 5.27 -5.02
CA GLU A 29 1.63 5.74 -6.22
C GLU A 29 0.71 6.63 -7.06
N LYS A 30 -0.55 6.22 -7.20
CA LYS A 30 -1.52 6.98 -7.98
C LYS A 30 -1.74 8.36 -7.35
N GLU A 31 -1.98 8.37 -6.05
CA GLU A 31 -2.23 9.60 -5.30
C GLU A 31 -0.98 10.48 -5.28
N LEU A 32 0.19 9.86 -5.19
CA LEU A 32 1.45 10.59 -5.14
C LEU A 32 1.72 11.26 -6.49
N ALA A 33 1.36 10.56 -7.57
CA ALA A 33 1.49 11.11 -8.92
C ALA A 33 0.51 12.26 -9.11
N ALA A 34 -0.73 12.06 -8.67
CA ALA A 34 -1.76 13.08 -8.74
C ALA A 34 -1.38 14.31 -7.93
N TYR A 35 -0.66 14.09 -6.84
CA TYR A 35 -0.18 15.19 -5.99
C TYR A 35 0.93 15.94 -6.71
N NH2 A 36 2.10 15.32 -6.79
HN1 NH2 A 36 2.18 14.43 -6.38
HN2 NH2 A 36 2.84 15.78 -7.25
#